data_2GQX
#
_entry.id   2GQX
#
_cell.length_a   67.033
_cell.length_b   62.037
_cell.length_c   95.004
_cell.angle_alpha   90.00
_cell.angle_beta   89.64
_cell.angle_gamma   90.00
#
_symmetry.space_group_name_H-M   'P 1 21 1'
#
loop_
_entity.id
_entity.type
_entity.pdbx_description
1 polymer 'Cytochrome P450-cam'
2 non-polymer 'POTASSIUM ION'
3 non-polymer 'PROTOPORPHYRIN IX CONTAINING FE'
4 non-polymer 1,2,3,4,5-PENTACHLOROBENZENE
5 water water
#
_entity_poly.entity_id   1
_entity_poly.type   'polypeptide(L)'
_entity_poly.pdbx_seq_one_letter_code
;NLAPLPPHVPEHLVFDFDMYNPSNLSAGVQEAWAVLQESNVPDLVWTRCNGGHWIATRGQLIREAYEDYRHFSSECPWIP
REAGEAFDFIPTSMDPPEQRQFRALANQVVGMPVVDKLENRIQELACSLIESLRPQGQCNFTEDYAEPFPIRIFMLLAGL
PEEDIPHLKYLTDQMTRPDGSMTFAEAKEALYDYLIPIIEQRRQKPGTDAISIVANGQVNGRPITSDEAKRMCGALLLGG
LDTVVNFLSFSMEFLAKSPEHRQELIERPERIPAACEELLRRFSLVADGRILTSDYEFHGVQLKKGDQILLPQMLSGLDE
RENAAPMHVDFSRQKVSHTTFGHGSHLCLGQHLARREIIVTLKEWLTRIPDFSIAPGAQIQHKSGIVSGVQALPLVWDPA
TTKAV
;
_entity_poly.pdbx_strand_id   A,B
#
loop_
_chem_comp.id
_chem_comp.type
_chem_comp.name
_chem_comp.formula
5CL non-polymer 1,2,3,4,5-PENTACHLOROBENZENE 'C6 H Cl5'
HEM non-polymer 'PROTOPORPHYRIN IX CONTAINING FE' 'C34 H32 Fe N4 O4'
K non-polymer 'POTASSIUM ION' 'K 1'
#
# COMPACT_ATOMS: atom_id res chain seq x y z
N ASN A 1 13.86 20.34 -48.78
CA ASN A 1 14.64 19.10 -49.03
C ASN A 1 16.08 19.25 -48.52
N LEU A 2 16.99 19.61 -49.42
CA LEU A 2 18.41 19.77 -49.09
C LEU A 2 18.84 21.21 -48.81
N ALA A 3 19.33 21.46 -47.59
CA ALA A 3 19.80 22.79 -47.23
C ALA A 3 21.11 23.05 -47.98
N PRO A 4 21.28 24.27 -48.53
CA PRO A 4 22.50 24.61 -49.27
C PRO A 4 23.74 24.34 -48.42
N LEU A 5 24.75 23.71 -49.03
CA LEU A 5 25.98 23.37 -48.34
C LEU A 5 26.79 24.58 -47.86
N PRO A 6 26.98 24.72 -46.54
CA PRO A 6 27.75 25.86 -46.04
C PRO A 6 29.13 25.90 -46.71
N PRO A 7 29.73 27.08 -46.83
CA PRO A 7 31.06 27.15 -47.47
C PRO A 7 32.15 26.35 -46.77
N HIS A 8 32.09 26.23 -45.45
CA HIS A 8 33.14 25.51 -44.72
C HIS A 8 33.06 23.99 -44.75
N VAL A 9 31.92 23.46 -45.21
CA VAL A 9 31.73 22.01 -45.25
C VAL A 9 32.25 21.42 -46.56
N PRO A 10 33.20 20.48 -46.48
CA PRO A 10 33.78 19.83 -47.66
C PRO A 10 32.77 19.03 -48.46
N GLU A 11 32.76 19.27 -49.76
CA GLU A 11 31.83 18.60 -50.66
C GLU A 11 31.88 17.07 -50.51
N HIS A 12 33.08 16.53 -50.40
CA HIS A 12 33.22 15.08 -50.30
C HIS A 12 32.78 14.44 -48.99
N LEU A 13 32.44 15.23 -47.98
CA LEU A 13 31.99 14.67 -46.72
C LEU A 13 30.46 14.71 -46.62
N VAL A 14 29.81 15.07 -47.72
CA VAL A 14 28.36 15.13 -47.74
C VAL A 14 27.72 13.76 -47.93
N PHE A 15 26.81 13.43 -47.02
CA PHE A 15 26.07 12.18 -47.03
C PHE A 15 24.69 12.61 -46.54
N ASP A 16 23.74 12.73 -47.45
CA ASP A 16 22.41 13.19 -47.11
C ASP A 16 21.50 12.20 -46.38
N PHE A 17 21.87 11.86 -45.15
CA PHE A 17 21.08 10.94 -44.32
C PHE A 17 19.93 11.76 -43.71
N ASP A 18 18.74 11.18 -43.70
CA ASP A 18 17.57 11.85 -43.12
C ASP A 18 17.12 11.09 -41.88
N MET A 19 17.53 11.57 -40.71
CA MET A 19 17.20 10.88 -39.46
C MET A 19 15.72 10.63 -39.19
N TYR A 20 14.83 11.37 -39.86
CA TYR A 20 13.40 11.16 -39.65
C TYR A 20 12.75 10.27 -40.69
N ASN A 21 13.53 9.85 -41.68
CA ASN A 21 13.04 8.97 -42.74
C ASN A 21 14.23 8.45 -43.52
N PRO A 22 15.06 7.59 -42.90
CA PRO A 22 16.24 7.04 -43.58
C PRO A 22 15.86 6.15 -44.76
N SER A 23 16.68 6.20 -45.82
CA SER A 23 16.45 5.44 -47.04
C SER A 23 16.22 3.94 -46.89
N ASN A 24 17.04 3.27 -46.10
CA ASN A 24 16.90 1.82 -45.97
C ASN A 24 16.03 1.39 -44.79
N LEU A 25 15.07 2.23 -44.43
CA LEU A 25 14.17 1.96 -43.32
C LEU A 25 13.44 0.62 -43.36
N SER A 26 12.93 0.25 -44.53
CA SER A 26 12.20 -1.02 -44.69
C SER A 26 12.94 -2.23 -44.14
N ALA A 27 14.26 -2.13 -44.06
CA ALA A 27 15.07 -3.24 -43.56
C ALA A 27 15.21 -3.18 -42.05
N GLY A 28 14.57 -2.20 -41.44
CA GLY A 28 14.67 -2.06 -40.00
C GLY A 28 15.45 -0.79 -39.70
N VAL A 29 15.04 -0.04 -38.67
CA VAL A 29 15.72 1.20 -38.33
C VAL A 29 17.21 1.04 -38.07
N GLN A 30 17.58 0.12 -37.17
CA GLN A 30 18.98 -0.06 -36.87
C GLN A 30 19.75 -0.29 -38.17
N GLU A 31 19.19 -1.11 -39.05
CA GLU A 31 19.82 -1.42 -40.33
C GLU A 31 19.91 -0.17 -41.20
N ALA A 32 18.91 0.70 -41.09
CA ALA A 32 18.87 1.92 -41.90
C ALA A 32 19.97 2.90 -41.47
N TRP A 33 20.16 3.04 -40.17
CA TRP A 33 21.19 3.94 -39.66
C TRP A 33 22.56 3.33 -39.92
N ALA A 34 22.63 2.00 -39.93
CA ALA A 34 23.89 1.28 -40.15
C ALA A 34 24.54 1.57 -41.51
N VAL A 35 23.77 2.13 -42.44
CA VAL A 35 24.32 2.44 -43.76
C VAL A 35 25.46 3.46 -43.60
N LEU A 36 25.41 4.24 -42.53
CA LEU A 36 26.42 5.26 -42.26
C LEU A 36 27.78 4.66 -41.89
N GLN A 37 27.80 3.36 -41.66
CA GLN A 37 29.03 2.67 -41.30
C GLN A 37 29.55 1.74 -42.41
N GLU A 38 29.02 1.88 -43.61
CA GLU A 38 29.48 1.04 -44.72
C GLU A 38 30.89 1.44 -45.16
N SER A 39 31.54 0.56 -45.93
CA SER A 39 32.91 0.76 -46.39
C SER A 39 33.42 2.15 -46.76
N ASN A 40 32.70 2.88 -47.60
CA ASN A 40 33.18 4.18 -48.03
C ASN A 40 32.61 5.41 -47.33
N VAL A 41 32.10 5.25 -46.12
CA VAL A 41 31.56 6.40 -45.40
C VAL A 41 32.56 6.83 -44.33
N PRO A 42 32.92 8.12 -44.32
CA PRO A 42 33.86 8.70 -43.35
C PRO A 42 33.35 8.60 -41.91
N ASP A 43 34.26 8.82 -40.96
CA ASP A 43 33.93 8.79 -39.54
C ASP A 43 33.00 9.96 -39.21
N LEU A 44 33.10 11.02 -40.00
CA LEU A 44 32.29 12.21 -39.77
C LEU A 44 31.79 12.76 -41.08
N VAL A 45 30.47 12.82 -41.25
CA VAL A 45 29.88 13.34 -42.48
C VAL A 45 28.89 14.49 -42.20
N TRP A 46 28.51 15.16 -43.27
CA TRP A 46 27.55 16.25 -43.18
C TRP A 46 26.36 15.89 -44.02
N THR A 47 25.16 16.06 -43.47
CA THR A 47 23.95 15.79 -44.22
C THR A 47 23.28 17.14 -44.44
N ARG A 48 22.71 17.32 -45.62
CA ARG A 48 22.03 18.57 -45.91
C ARG A 48 20.56 18.46 -45.53
N CYS A 49 20.17 17.31 -45.00
CA CYS A 49 18.79 17.10 -44.60
C CYS A 49 18.51 17.81 -43.30
N ASN A 50 17.23 17.97 -43.01
CA ASN A 50 16.79 18.59 -41.77
C ASN A 50 17.55 19.85 -41.37
N GLY A 51 17.83 20.71 -42.34
CA GLY A 51 18.53 21.94 -42.04
C GLY A 51 20.04 21.89 -42.18
N GLY A 52 20.59 20.68 -42.26
CA GLY A 52 22.03 20.53 -42.38
C GLY A 52 22.72 20.39 -41.04
N HIS A 53 23.52 19.34 -40.90
CA HIS A 53 24.25 19.08 -39.66
C HIS A 53 25.25 17.94 -39.82
N TRP A 54 26.21 17.85 -38.91
CA TRP A 54 27.20 16.79 -38.93
C TRP A 54 26.60 15.53 -38.30
N ILE A 55 27.25 14.40 -38.54
CA ILE A 55 26.84 13.13 -37.97
C ILE A 55 28.11 12.32 -37.73
N ALA A 56 28.37 11.99 -36.47
CA ALA A 56 29.52 11.17 -36.13
C ALA A 56 29.03 9.75 -36.37
N THR A 57 29.74 8.99 -37.21
CA THR A 57 29.30 7.62 -37.52
C THR A 57 29.95 6.47 -36.77
N ARG A 58 31.01 6.73 -36.03
CA ARG A 58 31.69 5.66 -35.30
C ARG A 58 31.70 5.89 -33.79
N GLY A 59 31.69 4.80 -33.03
CA GLY A 59 31.67 4.88 -31.58
C GLY A 59 32.79 5.73 -31.01
N GLN A 60 33.98 5.62 -31.60
CA GLN A 60 35.13 6.40 -31.13
C GLN A 60 34.79 7.89 -31.08
N LEU A 61 34.39 8.46 -32.20
CA LEU A 61 34.05 9.88 -32.23
C LEU A 61 32.85 10.18 -31.32
N ILE A 62 31.81 9.36 -31.40
CA ILE A 62 30.61 9.55 -30.60
C ILE A 62 30.94 9.66 -29.12
N ARG A 63 31.69 8.70 -28.60
CA ARG A 63 32.07 8.75 -27.19
C ARG A 63 32.92 9.99 -26.88
N GLU A 64 33.85 10.33 -27.77
CA GLU A 64 34.69 11.52 -27.56
C GLU A 64 33.87 12.78 -27.47
N ALA A 65 33.00 13.00 -28.44
CA ALA A 65 32.18 14.19 -28.45
C ALA A 65 31.35 14.27 -27.17
N TYR A 66 30.72 13.17 -26.77
CA TYR A 66 29.90 13.20 -25.57
C TYR A 66 30.71 13.49 -24.31
N GLU A 67 32.00 13.18 -24.33
CA GLU A 67 32.84 13.44 -23.16
C GLU A 67 33.25 14.91 -23.10
N ASP A 68 33.42 15.53 -24.27
CA ASP A 68 33.86 16.92 -24.35
C ASP A 68 32.69 17.92 -24.40
N TYR A 69 32.07 18.17 -23.26
CA TYR A 69 30.95 19.09 -23.17
C TYR A 69 31.35 20.54 -23.47
N ARG A 70 32.61 20.91 -23.24
CA ARG A 70 33.05 22.27 -23.49
C ARG A 70 32.98 22.63 -24.98
N HIS A 71 33.22 21.63 -25.84
CA HIS A 71 33.16 21.88 -27.29
C HIS A 71 31.79 21.50 -27.86
N PHE A 72 31.21 20.45 -27.28
CA PHE A 72 29.92 19.92 -27.72
C PHE A 72 28.89 20.12 -26.61
N SER A 73 28.21 21.26 -26.63
CA SER A 73 27.21 21.61 -25.63
C SER A 73 25.83 20.99 -25.82
N SER A 74 25.18 20.69 -24.69
CA SER A 74 23.84 20.12 -24.73
C SER A 74 22.81 21.23 -24.88
N GLU A 75 23.30 22.46 -25.00
CA GLU A 75 22.44 23.63 -25.15
C GLU A 75 21.39 23.40 -26.22
N CYS A 76 21.82 22.94 -27.40
CA CYS A 76 20.93 22.69 -28.53
C CYS A 76 21.15 21.22 -28.97
N PRO A 77 20.51 20.28 -28.27
CA PRO A 77 20.61 18.84 -28.52
C PRO A 77 19.64 18.20 -29.52
N TRP A 78 18.68 18.96 -30.01
CA TRP A 78 17.67 18.45 -30.94
C TRP A 78 17.85 18.99 -32.35
N ILE A 79 17.47 18.17 -33.31
CA ILE A 79 17.52 18.52 -34.71
C ILE A 79 16.08 18.35 -35.17
N PRO A 80 15.55 19.29 -35.97
CA PRO A 80 16.17 20.50 -36.51
C PRO A 80 16.54 21.55 -35.46
N ARG A 81 17.33 22.53 -35.88
CA ARG A 81 17.78 23.60 -35.00
C ARG A 81 16.63 24.25 -34.23
N GLU A 82 15.50 24.49 -34.90
CA GLU A 82 14.35 25.11 -34.24
C GLU A 82 13.94 24.34 -33.00
N ALA A 83 13.86 23.02 -33.14
CA ALA A 83 13.50 22.15 -32.04
C ALA A 83 14.60 22.27 -30.98
N GLY A 84 15.85 22.16 -31.44
CA GLY A 84 16.98 22.25 -30.54
C GLY A 84 17.03 23.55 -29.76
N GLU A 85 16.60 24.64 -30.39
CA GLU A 85 16.63 25.93 -29.73
C GLU A 85 15.51 26.06 -28.70
N ALA A 86 14.37 25.44 -28.96
CA ALA A 86 13.24 25.48 -28.03
C ALA A 86 13.43 24.49 -26.89
N PHE A 87 14.22 23.44 -27.15
CA PHE A 87 14.47 22.39 -26.18
C PHE A 87 15.12 22.95 -24.92
N ASP A 88 14.45 22.89 -23.78
CA ASP A 88 15.05 23.42 -22.57
C ASP A 88 14.82 22.57 -21.35
N PHE A 89 14.58 21.27 -21.56
CA PHE A 89 14.35 20.36 -20.45
C PHE A 89 15.59 20.29 -19.59
N ILE A 90 15.37 20.10 -18.31
CA ILE A 90 16.43 19.99 -17.32
C ILE A 90 16.45 18.56 -16.82
N PRO A 91 17.64 17.97 -16.65
CA PRO A 91 18.98 18.52 -16.86
C PRO A 91 19.56 18.35 -18.26
N THR A 92 18.78 17.80 -19.18
CA THR A 92 19.25 17.53 -20.52
C THR A 92 19.78 18.66 -21.39
N SER A 93 19.29 19.88 -21.19
CA SER A 93 19.75 21.01 -22.00
C SER A 93 20.89 21.78 -21.33
N MET A 94 21.42 21.24 -20.23
CA MET A 94 22.49 21.92 -19.50
C MET A 94 23.83 21.17 -19.55
N ASP A 95 24.92 21.93 -19.44
CA ASP A 95 26.27 21.36 -19.44
C ASP A 95 26.85 21.50 -18.04
N PRO A 96 27.82 20.64 -17.69
CA PRO A 96 28.39 20.80 -16.36
C PRO A 96 29.04 22.18 -16.43
N PRO A 97 29.25 22.85 -15.29
CA PRO A 97 28.96 22.45 -13.93
C PRO A 97 27.51 22.58 -13.45
N GLU A 98 26.77 23.58 -13.97
CA GLU A 98 25.39 23.83 -13.56
C GLU A 98 24.45 22.63 -13.67
N GLN A 99 24.72 21.75 -14.62
CA GLN A 99 23.87 20.56 -14.83
C GLN A 99 23.78 19.66 -13.59
N ARG A 100 24.92 19.42 -12.96
CA ARG A 100 25.01 18.52 -11.80
C ARG A 100 23.94 18.62 -10.72
N GLN A 101 23.79 19.79 -10.13
CA GLN A 101 22.81 20.01 -9.06
C GLN A 101 21.43 19.53 -9.46
N PHE A 102 21.04 19.74 -10.71
CA PHE A 102 19.71 19.31 -11.14
C PHE A 102 19.66 17.80 -11.34
N ARG A 103 20.75 17.26 -11.87
CA ARG A 103 20.81 15.82 -12.10
C ARG A 103 20.68 15.09 -10.76
N ALA A 104 21.28 15.63 -9.71
CA ALA A 104 21.22 15.01 -8.39
C ALA A 104 19.77 14.92 -7.91
N LEU A 105 19.01 15.99 -8.11
CA LEU A 105 17.60 16.00 -7.71
C LEU A 105 16.80 15.02 -8.55
N ALA A 106 17.03 15.02 -9.87
CA ALA A 106 16.29 14.10 -10.75
C ALA A 106 16.61 12.68 -10.36
N ASN A 107 17.89 12.42 -10.11
CA ASN A 107 18.36 11.09 -9.74
C ASN A 107 17.64 10.59 -8.49
N GLN A 108 17.16 11.52 -7.66
CA GLN A 108 16.45 11.14 -6.45
C GLN A 108 15.03 10.61 -6.68
N VAL A 109 14.40 10.97 -7.80
CA VAL A 109 13.06 10.46 -8.02
C VAL A 109 13.00 9.24 -8.94
N VAL A 110 14.04 8.97 -9.71
CA VAL A 110 14.04 7.80 -10.57
C VAL A 110 15.32 6.96 -10.40
N GLY A 111 16.09 7.28 -9.36
CA GLY A 111 17.33 6.56 -9.13
C GLY A 111 17.17 5.14 -8.60
N MET A 112 18.28 4.41 -8.59
CA MET A 112 18.30 3.03 -8.13
C MET A 112 17.52 2.78 -6.85
N PRO A 113 17.82 3.54 -5.78
CA PRO A 113 17.09 3.34 -4.52
C PRO A 113 15.59 3.27 -4.75
N VAL A 114 15.11 4.15 -5.63
CA VAL A 114 13.69 4.20 -5.94
C VAL A 114 13.26 3.00 -6.77
N VAL A 115 14.15 2.54 -7.64
CA VAL A 115 13.84 1.40 -8.51
C VAL A 115 13.70 0.11 -7.71
N ASP A 116 14.64 -0.15 -6.82
CA ASP A 116 14.59 -1.36 -6.01
C ASP A 116 13.25 -1.46 -5.30
N LYS A 117 12.81 -0.35 -4.70
CA LYS A 117 11.53 -0.35 -3.99
C LYS A 117 10.34 -0.58 -4.92
N LEU A 118 10.49 -0.27 -6.20
CA LEU A 118 9.42 -0.45 -7.17
C LEU A 118 9.38 -1.85 -7.78
N GLU A 119 10.35 -2.69 -7.43
CA GLU A 119 10.43 -4.04 -7.96
C GLU A 119 9.13 -4.81 -7.93
N ASN A 120 8.64 -5.10 -6.72
CA ASN A 120 7.40 -5.86 -6.56
C ASN A 120 6.25 -5.26 -7.37
N ARG A 121 6.19 -3.94 -7.42
CA ARG A 121 5.14 -3.27 -8.16
C ARG A 121 5.26 -3.62 -9.64
N ILE A 122 6.48 -3.50 -10.14
CA ILE A 122 6.76 -3.78 -11.54
C ILE A 122 6.42 -5.22 -11.92
N GLN A 123 6.79 -6.16 -11.05
CA GLN A 123 6.52 -7.55 -11.32
C GLN A 123 5.02 -7.80 -11.38
N GLU A 124 4.30 -7.29 -10.38
CA GLU A 124 2.85 -7.45 -10.30
C GLU A 124 2.15 -7.01 -11.58
N LEU A 125 2.56 -5.86 -12.12
CA LEU A 125 1.93 -5.37 -13.33
C LEU A 125 2.30 -6.24 -14.54
N ALA A 126 3.57 -6.61 -14.63
CA ALA A 126 4.03 -7.45 -15.72
C ALA A 126 3.23 -8.74 -15.72
N CYS A 127 3.21 -9.39 -14.56
CA CYS A 127 2.48 -10.66 -14.39
C CYS A 127 1.01 -10.51 -14.70
N SER A 128 0.42 -9.39 -14.29
CA SER A 128 -1.00 -9.12 -14.51
C SER A 128 -1.34 -9.04 -16.00
N LEU A 129 -0.65 -8.17 -16.74
CA LEU A 129 -0.90 -8.02 -18.17
C LEU A 129 -0.70 -9.30 -18.96
N ILE A 130 0.36 -10.03 -18.65
CA ILE A 130 0.67 -11.26 -19.37
C ILE A 130 -0.31 -12.37 -19.04
N GLU A 131 -0.58 -12.57 -17.76
CA GLU A 131 -1.50 -13.62 -17.36
C GLU A 131 -2.88 -13.43 -17.96
N SER A 132 -3.22 -12.18 -18.29
CA SER A 132 -4.51 -11.87 -18.89
C SER A 132 -4.47 -12.09 -20.38
N LEU A 133 -3.34 -11.79 -21.01
CA LEU A 133 -3.19 -11.99 -22.45
C LEU A 133 -2.96 -13.46 -22.81
N ARG A 134 -2.36 -14.20 -21.88
CA ARG A 134 -2.00 -15.60 -22.10
C ARG A 134 -3.03 -16.57 -22.70
N PRO A 135 -4.24 -16.64 -22.13
CA PRO A 135 -5.25 -17.57 -22.67
C PRO A 135 -5.79 -17.15 -24.03
N GLN A 136 -5.61 -15.88 -24.37
CA GLN A 136 -6.11 -15.34 -25.63
C GLN A 136 -5.38 -15.83 -26.89
N GLY A 137 -4.12 -16.24 -26.73
CA GLY A 137 -3.36 -16.73 -27.87
C GLY A 137 -2.93 -15.69 -28.89
N GLN A 138 -3.03 -14.41 -28.54
CA GLN A 138 -2.64 -13.35 -29.47
C GLN A 138 -2.70 -11.99 -28.78
N CYS A 139 -2.07 -11.00 -29.38
CA CYS A 139 -2.06 -9.64 -28.85
C CYS A 139 -1.38 -8.66 -29.80
N ASN A 140 -1.66 -7.37 -29.58
CA ASN A 140 -1.02 -6.30 -30.35
C ASN A 140 -0.05 -5.79 -29.30
N PHE A 141 1.14 -6.37 -29.28
CA PHE A 141 2.15 -6.03 -28.29
C PHE A 141 2.36 -4.55 -27.95
N THR A 142 2.35 -3.68 -28.95
CA THR A 142 2.58 -2.27 -28.68
C THR A 142 1.54 -1.68 -27.73
N GLU A 143 0.26 -1.91 -28.01
CA GLU A 143 -0.77 -1.36 -27.14
C GLU A 143 -1.21 -2.26 -25.99
N ASP A 144 -0.98 -3.56 -26.11
CA ASP A 144 -1.38 -4.48 -25.04
C ASP A 144 -0.34 -4.63 -23.92
N TYR A 145 0.91 -4.34 -24.23
CA TYR A 145 1.98 -4.46 -23.24
C TYR A 145 3.06 -3.37 -23.29
N ALA A 146 3.73 -3.23 -24.43
CA ALA A 146 4.81 -2.25 -24.56
C ALA A 146 4.48 -0.88 -23.99
N GLU A 147 3.29 -0.36 -24.32
CA GLU A 147 2.90 0.95 -23.83
C GLU A 147 2.37 0.96 -22.39
N PRO A 148 1.32 0.20 -22.09
CA PRO A 148 0.77 0.18 -20.73
C PRO A 148 1.71 -0.24 -19.60
N PHE A 149 2.51 -1.28 -19.81
CA PHE A 149 3.42 -1.72 -18.77
C PHE A 149 4.32 -0.59 -18.23
N PRO A 150 5.24 -0.05 -19.05
CA PRO A 150 6.08 1.03 -18.52
C PRO A 150 5.37 2.36 -18.27
N ILE A 151 4.40 2.70 -19.10
CA ILE A 151 3.70 3.96 -18.90
C ILE A 151 2.93 3.97 -17.58
N ARG A 152 2.18 2.92 -17.30
CA ARG A 152 1.42 2.88 -16.05
C ARG A 152 2.38 2.95 -14.87
N ILE A 153 3.57 2.36 -15.03
CA ILE A 153 4.55 2.40 -13.97
C ILE A 153 5.02 3.85 -13.78
N PHE A 154 5.28 4.55 -14.88
CA PHE A 154 5.74 5.93 -14.80
C PHE A 154 4.67 6.83 -14.17
N MET A 155 3.44 6.76 -14.69
CA MET A 155 2.36 7.58 -14.15
C MET A 155 2.20 7.34 -12.64
N LEU A 156 2.39 6.10 -12.21
CA LEU A 156 2.29 5.76 -10.79
C LEU A 156 3.39 6.48 -10.01
N LEU A 157 4.61 6.36 -10.49
CA LEU A 157 5.75 7.00 -9.83
C LEU A 157 5.57 8.51 -9.81
N ALA A 158 5.05 9.07 -10.90
CA ALA A 158 4.85 10.51 -11.03
C ALA A 158 3.58 11.03 -10.34
N GLY A 159 2.71 10.13 -9.93
CA GLY A 159 1.46 10.55 -9.28
C GLY A 159 0.50 11.21 -10.25
N LEU A 160 0.51 10.76 -11.50
CA LEU A 160 -0.36 11.31 -12.54
C LEU A 160 -1.42 10.29 -12.97
N PRO A 161 -2.69 10.73 -13.08
CA PRO A 161 -3.80 9.85 -13.48
C PRO A 161 -3.62 9.30 -14.89
N GLU A 162 -3.91 8.01 -15.04
CA GLU A 162 -3.74 7.31 -16.32
C GLU A 162 -4.63 7.81 -17.44
N GLU A 163 -5.67 8.55 -17.12
CA GLU A 163 -6.57 9.07 -18.14
C GLU A 163 -5.87 10.08 -19.03
N ASP A 164 -4.78 10.68 -18.54
CA ASP A 164 -4.01 11.66 -19.29
C ASP A 164 -3.01 11.03 -20.25
N ILE A 165 -2.88 9.72 -20.22
CA ILE A 165 -1.91 9.05 -21.07
C ILE A 165 -2.01 9.31 -22.57
N PRO A 166 -3.21 9.14 -23.17
CA PRO A 166 -3.32 9.38 -24.61
C PRO A 166 -2.77 10.74 -25.06
N HIS A 167 -3.10 11.79 -24.30
CA HIS A 167 -2.64 13.14 -24.60
C HIS A 167 -1.11 13.24 -24.45
N LEU A 168 -0.60 12.83 -23.30
CA LEU A 168 0.83 12.88 -23.02
C LEU A 168 1.68 12.06 -24.01
N LYS A 169 1.24 10.84 -24.31
CA LYS A 169 1.99 9.99 -25.23
C LYS A 169 2.03 10.64 -26.61
N TYR A 170 0.93 11.24 -27.01
CA TYR A 170 0.88 11.90 -28.32
C TYR A 170 1.88 13.07 -28.35
N LEU A 171 1.92 13.85 -27.28
CA LEU A 171 2.86 14.97 -27.23
C LEU A 171 4.32 14.49 -27.26
N THR A 172 4.65 13.46 -26.50
CA THR A 172 6.02 12.95 -26.49
C THR A 172 6.40 12.39 -27.86
N ASP A 173 5.47 11.67 -28.49
CA ASP A 173 5.69 11.10 -29.82
C ASP A 173 6.02 12.22 -30.80
N GLN A 174 5.35 13.37 -30.66
CA GLN A 174 5.59 14.49 -31.54
C GLN A 174 6.97 15.10 -31.35
N MET A 175 7.55 14.90 -30.18
CA MET A 175 8.87 15.44 -29.90
C MET A 175 9.95 14.52 -30.46
N THR A 176 9.65 13.24 -30.58
CA THR A 176 10.61 12.25 -31.06
C THR A 176 10.41 11.81 -32.51
N ARG A 177 9.15 11.59 -32.88
CA ARG A 177 8.81 11.14 -34.23
C ARG A 177 7.60 11.95 -34.71
N PRO A 178 7.79 13.26 -34.92
CA PRO A 178 6.70 14.12 -35.37
C PRO A 178 6.00 13.65 -36.63
N ASP A 179 4.68 13.73 -36.64
CA ASP A 179 3.89 13.31 -37.79
C ASP A 179 3.56 14.55 -38.61
N GLY A 180 4.10 15.68 -38.18
CA GLY A 180 3.87 16.93 -38.89
C GLY A 180 2.76 17.80 -38.34
N SER A 181 1.88 17.20 -37.54
CA SER A 181 0.76 17.92 -36.96
C SER A 181 1.19 19.04 -36.01
N MET A 182 2.44 18.99 -35.54
CA MET A 182 2.97 20.05 -34.68
C MET A 182 4.48 20.02 -34.45
N THR A 183 5.04 21.21 -34.32
CA THR A 183 6.47 21.40 -34.12
C THR A 183 6.87 20.96 -32.72
N PHE A 184 8.18 20.79 -32.51
CA PHE A 184 8.66 20.41 -31.19
C PHE A 184 8.25 21.52 -30.23
N ALA A 185 8.37 22.76 -30.69
CA ALA A 185 8.03 23.91 -29.87
C ALA A 185 6.60 23.79 -29.32
N GLU A 186 5.66 23.53 -30.22
CA GLU A 186 4.25 23.39 -29.87
C GLU A 186 4.01 22.25 -28.89
N ALA A 187 4.61 21.10 -29.15
CA ALA A 187 4.43 19.96 -28.27
C ALA A 187 5.01 20.26 -26.89
N LYS A 188 6.13 20.98 -26.86
CA LYS A 188 6.76 21.31 -25.59
C LYS A 188 5.85 22.23 -24.78
N GLU A 189 5.33 23.25 -25.46
CA GLU A 189 4.42 24.20 -24.84
C GLU A 189 3.22 23.47 -24.25
N ALA A 190 2.68 22.51 -24.99
CA ALA A 190 1.52 21.75 -24.49
C ALA A 190 1.90 20.89 -23.29
N LEU A 191 3.09 20.31 -23.30
CA LEU A 191 3.52 19.50 -22.17
C LEU A 191 3.60 20.41 -20.94
N TYR A 192 4.20 21.57 -21.11
CA TYR A 192 4.32 22.52 -20.01
C TYR A 192 2.96 23.04 -19.57
N ASP A 193 2.05 23.24 -20.51
CA ASP A 193 0.70 23.73 -20.17
C ASP A 193 0.04 22.70 -19.28
N TYR A 194 0.38 21.44 -19.50
CA TYR A 194 -0.17 20.36 -18.71
C TYR A 194 0.43 20.32 -17.30
N LEU A 195 1.75 20.46 -17.22
CA LEU A 195 2.46 20.40 -15.94
C LEU A 195 2.28 21.58 -14.97
N ILE A 196 2.22 22.80 -15.49
CA ILE A 196 2.11 23.98 -14.65
C ILE A 196 1.15 23.91 -13.46
N PRO A 197 -0.17 23.70 -13.70
CA PRO A 197 -1.10 23.64 -12.57
C PRO A 197 -0.79 22.51 -11.60
N ILE A 198 -0.35 21.37 -12.13
CA ILE A 198 -0.04 20.21 -11.32
C ILE A 198 1.14 20.48 -10.38
N ILE A 199 2.17 21.15 -10.90
CA ILE A 199 3.35 21.47 -10.11
C ILE A 199 2.97 22.46 -9.02
N GLU A 200 2.18 23.46 -9.40
CA GLU A 200 1.72 24.48 -8.48
C GLU A 200 1.00 23.83 -7.30
N GLN A 201 0.05 22.94 -7.59
CA GLN A 201 -0.70 22.30 -6.52
C GLN A 201 0.12 21.32 -5.70
N ARG A 202 1.22 20.83 -6.26
CA ARG A 202 2.09 19.90 -5.56
C ARG A 202 3.06 20.58 -4.60
N ARG A 203 3.46 21.81 -4.92
CA ARG A 203 4.36 22.56 -4.05
C ARG A 203 3.54 23.02 -2.86
N GLN A 204 2.25 23.22 -3.14
CA GLN A 204 1.27 23.69 -2.18
C GLN A 204 0.94 22.61 -1.15
N LYS A 205 0.56 21.44 -1.63
CA LYS A 205 0.23 20.30 -0.75
C LYS A 205 1.11 19.13 -1.16
N PRO A 206 2.40 19.17 -0.77
CA PRO A 206 3.44 18.16 -1.05
C PRO A 206 3.18 16.70 -0.65
N GLY A 207 3.35 15.82 -1.63
CA GLY A 207 3.16 14.38 -1.43
C GLY A 207 4.43 13.56 -1.60
N THR A 208 4.27 12.29 -1.95
CA THR A 208 5.41 11.39 -2.12
C THR A 208 5.72 11.04 -3.57
N ASP A 209 4.98 11.62 -4.51
CA ASP A 209 5.17 11.34 -5.93
C ASP A 209 6.39 12.07 -6.50
N ALA A 210 6.83 11.62 -7.68
CA ALA A 210 7.98 12.21 -8.35
C ALA A 210 7.81 13.71 -8.56
N ILE A 211 6.64 14.12 -9.04
CA ILE A 211 6.38 15.54 -9.28
C ILE A 211 6.52 16.34 -8.00
N SER A 212 5.94 15.85 -6.91
CA SER A 212 6.01 16.56 -5.63
C SER A 212 7.44 16.71 -5.15
N ILE A 213 8.23 15.63 -5.28
CA ILE A 213 9.62 15.65 -4.85
C ILE A 213 10.42 16.70 -5.63
N VAL A 214 10.24 16.74 -6.93
CA VAL A 214 10.96 17.70 -7.76
C VAL A 214 10.47 19.11 -7.43
N ALA A 215 9.16 19.31 -7.46
CA ALA A 215 8.57 20.61 -7.21
C ALA A 215 8.97 21.22 -5.87
N ASN A 216 9.10 20.39 -4.83
CA ASN A 216 9.47 20.87 -3.49
C ASN A 216 10.95 20.66 -3.20
N GLY A 217 11.70 20.22 -4.20
CA GLY A 217 13.11 19.95 -3.99
C GLY A 217 14.06 21.12 -3.91
N GLN A 218 15.30 20.79 -3.60
CA GLN A 218 16.36 21.77 -3.50
C GLN A 218 17.48 21.39 -4.45
N VAL A 219 18.14 22.40 -5.01
CA VAL A 219 19.23 22.17 -5.92
C VAL A 219 20.48 22.73 -5.22
N ASN A 220 21.36 21.83 -4.81
CA ASN A 220 22.57 22.22 -4.10
C ASN A 220 22.30 23.20 -2.97
N GLY A 221 21.32 22.90 -2.12
CA GLY A 221 21.04 23.80 -1.00
C GLY A 221 19.97 24.87 -1.16
N ARG A 222 19.60 25.25 -2.39
CA ARG A 222 18.57 26.26 -2.56
C ARG A 222 17.30 25.72 -3.23
N PRO A 223 16.13 26.28 -2.86
CA PRO A 223 14.81 25.90 -3.40
C PRO A 223 14.72 26.00 -4.92
N ILE A 224 14.27 24.93 -5.55
CA ILE A 224 14.12 24.90 -6.99
C ILE A 224 12.96 25.83 -7.32
N THR A 225 12.97 26.45 -8.51
CA THR A 225 11.89 27.35 -8.89
C THR A 225 10.76 26.60 -9.58
N SER A 226 9.64 27.28 -9.81
CA SER A 226 8.49 26.67 -10.46
C SER A 226 8.82 26.32 -11.90
N ASP A 227 9.54 27.20 -12.57
CA ASP A 227 9.92 26.99 -13.96
C ASP A 227 10.96 25.87 -14.09
N GLU A 228 11.91 25.81 -13.17
CA GLU A 228 12.93 24.77 -13.19
C GLU A 228 12.26 23.41 -12.95
N ALA A 229 11.31 23.38 -12.03
CA ALA A 229 10.59 22.16 -11.71
C ALA A 229 9.84 21.70 -12.96
N LYS A 230 9.25 22.65 -13.67
CA LYS A 230 8.51 22.33 -14.88
C LYS A 230 9.45 21.74 -15.91
N ARG A 231 10.60 22.37 -16.09
CA ARG A 231 11.59 21.91 -17.06
C ARG A 231 12.13 20.52 -16.74
N MET A 232 12.27 20.23 -15.44
CA MET A 232 12.77 18.93 -15.02
C MET A 232 11.72 17.84 -15.24
N CYS A 233 10.46 18.12 -14.85
CA CYS A 233 9.40 17.13 -15.03
C CYS A 233 9.22 16.80 -16.51
N GLY A 234 9.56 17.74 -17.37
CA GLY A 234 9.42 17.50 -18.79
C GLY A 234 10.46 16.49 -19.25
N ALA A 235 11.63 16.56 -18.63
CA ALA A 235 12.72 15.65 -18.95
C ALA A 235 12.32 14.26 -18.50
N LEU A 236 11.77 14.16 -17.30
CA LEU A 236 11.33 12.88 -16.77
C LEU A 236 10.18 12.31 -17.60
N LEU A 237 9.25 13.16 -17.99
CA LEU A 237 8.11 12.72 -18.79
C LEU A 237 8.55 12.15 -20.13
N LEU A 238 9.39 12.90 -20.84
CA LEU A 238 9.87 12.46 -22.14
C LEU A 238 10.56 11.11 -22.02
N GLY A 239 11.34 10.95 -20.95
CA GLY A 239 12.07 9.71 -20.74
C GLY A 239 11.27 8.46 -20.43
N GLY A 240 10.41 8.53 -19.42
CA GLY A 240 9.67 7.35 -19.04
C GLY A 240 8.38 7.07 -19.79
N LEU A 241 8.18 7.74 -20.92
CA LEU A 241 6.95 7.55 -21.67
C LEU A 241 7.14 7.00 -23.07
N ASP A 242 8.31 7.23 -23.67
CA ASP A 242 8.55 6.80 -25.04
C ASP A 242 9.66 5.78 -25.31
N THR A 243 10.70 5.78 -24.50
CA THR A 243 11.89 4.99 -24.78
C THR A 243 11.78 3.50 -24.45
N VAL A 244 11.44 3.17 -23.21
CA VAL A 244 11.29 1.77 -22.81
C VAL A 244 10.19 1.16 -23.66
N VAL A 245 9.13 1.93 -23.87
CA VAL A 245 8.00 1.48 -24.66
C VAL A 245 8.49 0.86 -25.96
N ASN A 246 9.17 1.66 -26.77
CA ASN A 246 9.68 1.19 -28.05
C ASN A 246 10.76 0.11 -27.97
N PHE A 247 11.65 0.20 -26.99
CA PHE A 247 12.70 -0.82 -26.90
C PHE A 247 12.11 -2.22 -26.67
N LEU A 248 11.09 -2.31 -25.81
CA LEU A 248 10.47 -3.59 -25.55
C LEU A 248 9.94 -4.20 -26.85
N SER A 249 9.45 -3.35 -27.74
CA SER A 249 8.93 -3.83 -29.03
C SER A 249 10.04 -4.35 -29.92
N PHE A 250 11.19 -3.67 -29.91
CA PHE A 250 12.31 -4.12 -30.71
C PHE A 250 12.77 -5.49 -30.21
N SER A 251 12.82 -5.65 -28.89
CA SER A 251 13.26 -6.91 -28.29
C SER A 251 12.26 -8.04 -28.49
N MET A 252 10.98 -7.74 -28.34
CA MET A 252 9.96 -8.78 -28.51
C MET A 252 9.84 -9.16 -29.98
N GLU A 253 9.99 -8.19 -30.88
CA GLU A 253 9.91 -8.50 -32.29
C GLU A 253 10.97 -9.54 -32.58
N PHE A 254 12.17 -9.30 -32.04
CA PHE A 254 13.29 -10.21 -32.23
C PHE A 254 13.04 -11.59 -31.61
N LEU A 255 12.63 -11.61 -30.35
CA LEU A 255 12.38 -12.89 -29.70
C LEU A 255 11.31 -13.71 -30.41
N ALA A 256 10.31 -13.01 -30.95
CA ALA A 256 9.22 -13.63 -31.68
C ALA A 256 9.72 -14.39 -32.91
N LYS A 257 10.87 -13.98 -33.42
CA LYS A 257 11.45 -14.64 -34.59
C LYS A 257 12.71 -15.40 -34.21
N SER A 258 12.89 -15.68 -32.92
CA SER A 258 14.10 -16.38 -32.50
C SER A 258 13.92 -17.49 -31.47
N PRO A 259 13.22 -18.57 -31.84
CA PRO A 259 13.01 -19.69 -30.92
C PRO A 259 14.28 -20.17 -30.23
N GLU A 260 15.39 -20.18 -30.97
CA GLU A 260 16.66 -20.61 -30.39
C GLU A 260 17.05 -19.69 -29.24
N HIS A 261 16.99 -18.38 -29.49
CA HIS A 261 17.32 -17.42 -28.45
C HIS A 261 16.35 -17.53 -27.28
N ARG A 262 15.06 -17.72 -27.57
CA ARG A 262 14.09 -17.85 -26.48
C ARG A 262 14.42 -19.07 -25.63
N GLN A 263 14.73 -20.18 -26.31
CA GLN A 263 15.07 -21.42 -25.64
C GLN A 263 16.24 -21.19 -24.69
N GLU A 264 17.20 -20.37 -25.13
CA GLU A 264 18.36 -20.09 -24.31
C GLU A 264 17.99 -19.60 -22.92
N LEU A 265 17.20 -18.53 -22.88
CA LEU A 265 16.80 -17.91 -21.63
C LEU A 265 15.79 -18.75 -20.84
N ILE A 266 15.03 -19.57 -21.56
CA ILE A 266 14.05 -20.46 -20.94
C ILE A 266 14.81 -21.50 -20.11
N GLU A 267 15.81 -22.12 -20.72
CA GLU A 267 16.62 -23.13 -20.03
C GLU A 267 17.48 -22.55 -18.93
N ARG A 268 18.11 -21.40 -19.20
CA ARG A 268 18.99 -20.77 -18.20
C ARG A 268 18.54 -19.34 -17.92
N PRO A 269 17.46 -19.18 -17.12
CA PRO A 269 16.92 -17.87 -16.76
C PRO A 269 17.95 -16.87 -16.26
N GLU A 270 19.04 -17.38 -15.69
CA GLU A 270 20.09 -16.50 -15.18
C GLU A 270 20.83 -15.76 -16.29
N ARG A 271 20.52 -16.07 -17.54
CA ARG A 271 21.18 -15.41 -18.67
C ARG A 271 20.38 -14.19 -19.11
N ILE A 272 19.21 -14.00 -18.49
CA ILE A 272 18.34 -12.89 -18.86
C ILE A 272 18.97 -11.50 -18.68
N PRO A 273 19.62 -11.24 -17.55
CA PRO A 273 20.22 -9.92 -17.42
C PRO A 273 21.23 -9.65 -18.55
N ALA A 274 22.05 -10.65 -18.85
CA ALA A 274 23.05 -10.51 -19.91
C ALA A 274 22.38 -10.40 -21.27
N ALA A 275 21.28 -11.12 -21.44
CA ALA A 275 20.58 -11.08 -22.72
C ALA A 275 20.02 -9.67 -22.91
N CYS A 276 19.53 -9.10 -21.81
CA CYS A 276 18.97 -7.75 -21.79
C CYS A 276 19.99 -6.74 -22.28
N GLU A 277 21.23 -6.91 -21.85
CA GLU A 277 22.28 -5.98 -22.24
C GLU A 277 22.61 -6.10 -23.73
N GLU A 278 22.64 -7.33 -24.25
CA GLU A 278 22.94 -7.55 -25.66
C GLU A 278 21.82 -6.98 -26.52
N LEU A 279 20.59 -7.11 -26.04
CA LEU A 279 19.43 -6.61 -26.76
C LEU A 279 19.48 -5.06 -26.77
N LEU A 280 19.92 -4.48 -25.66
CA LEU A 280 20.06 -3.03 -25.53
C LEU A 280 21.09 -2.53 -26.53
N ARG A 281 22.11 -3.34 -26.80
CA ARG A 281 23.14 -2.95 -27.76
C ARG A 281 22.59 -3.07 -29.18
N ARG A 282 22.14 -4.27 -29.54
CA ARG A 282 21.63 -4.55 -30.88
C ARG A 282 20.46 -3.68 -31.30
N PHE A 283 19.53 -3.42 -30.38
CA PHE A 283 18.36 -2.62 -30.71
C PHE A 283 18.36 -1.22 -30.11
N SER A 284 19.55 -0.64 -29.99
CA SER A 284 19.72 0.71 -29.46
C SER A 284 18.77 1.56 -30.30
N LEU A 285 18.23 2.65 -29.76
CA LEU A 285 17.25 3.41 -30.54
C LEU A 285 17.26 4.92 -30.38
N VAL A 286 18.15 5.44 -29.55
CA VAL A 286 18.20 6.87 -29.33
C VAL A 286 19.30 7.58 -30.13
N ALA A 287 19.00 8.79 -30.59
CA ALA A 287 19.98 9.56 -31.34
C ALA A 287 19.72 11.06 -31.26
N ASP A 288 20.42 11.75 -30.36
CA ASP A 288 20.25 13.19 -30.29
C ASP A 288 21.64 13.79 -30.48
N GLY A 289 21.82 15.07 -30.18
CA GLY A 289 23.14 15.63 -30.40
C GLY A 289 23.61 16.78 -29.53
N ARG A 290 24.53 17.55 -30.11
CA ARG A 290 25.15 18.67 -29.44
C ARG A 290 25.35 19.82 -30.41
N ILE A 291 25.72 20.99 -29.89
CA ILE A 291 25.97 22.15 -30.73
C ILE A 291 27.38 22.62 -30.41
N LEU A 292 28.15 22.93 -31.44
CA LEU A 292 29.53 23.40 -31.25
C LEU A 292 29.52 24.75 -30.56
N THR A 293 30.33 24.88 -29.51
CA THR A 293 30.40 26.13 -28.77
C THR A 293 31.39 27.10 -29.38
N SER A 294 32.24 26.61 -30.27
CA SER A 294 33.24 27.45 -30.93
C SER A 294 33.83 26.69 -32.11
N ASP A 295 34.54 27.39 -32.99
CA ASP A 295 35.15 26.73 -34.13
C ASP A 295 36.08 25.71 -33.50
N TYR A 296 36.08 24.49 -34.04
CA TYR A 296 36.89 23.41 -33.49
C TYR A 296 37.25 22.38 -34.54
N GLU A 297 38.52 22.00 -34.61
CA GLU A 297 38.95 21.00 -35.55
C GLU A 297 38.85 19.66 -34.83
N PHE A 298 37.98 18.80 -35.36
CA PHE A 298 37.70 17.48 -34.80
C PHE A 298 38.01 16.40 -35.83
N HIS A 299 38.97 15.54 -35.52
CA HIS A 299 39.35 14.47 -36.42
C HIS A 299 39.57 14.97 -37.85
N GLY A 300 40.36 16.03 -37.98
CA GLY A 300 40.65 16.58 -39.29
C GLY A 300 39.53 17.37 -39.97
N VAL A 301 38.41 17.55 -39.27
CA VAL A 301 37.31 18.29 -39.87
C VAL A 301 37.07 19.60 -39.15
N GLN A 302 36.95 20.69 -39.90
CA GLN A 302 36.72 22.00 -39.31
C GLN A 302 35.26 22.19 -38.94
N LEU A 303 34.97 22.16 -37.66
CA LEU A 303 33.59 22.36 -37.22
C LEU A 303 33.46 23.84 -36.87
N LYS A 304 32.30 24.43 -37.19
CA LYS A 304 32.08 25.86 -36.90
C LYS A 304 31.16 26.08 -35.71
N LYS A 305 31.43 27.16 -34.98
CA LYS A 305 30.63 27.53 -33.83
C LYS A 305 29.20 27.58 -34.36
N GLY A 306 28.26 27.01 -33.61
CA GLY A 306 26.87 27.01 -34.07
C GLY A 306 26.48 25.76 -34.85
N ASP A 307 27.46 25.06 -35.42
CA ASP A 307 27.19 23.83 -36.16
C ASP A 307 26.55 22.82 -35.23
N GLN A 308 25.64 22.01 -35.76
CA GLN A 308 25.01 20.98 -34.97
C GLN A 308 25.59 19.64 -35.40
N ILE A 309 25.81 18.75 -34.43
CA ILE A 309 26.33 17.45 -34.73
C ILE A 309 25.49 16.38 -34.05
N LEU A 310 25.00 15.44 -34.85
CA LEU A 310 24.22 14.33 -34.34
C LEU A 310 25.25 13.29 -33.90
N LEU A 311 25.07 12.78 -32.68
CA LEU A 311 25.95 11.77 -32.12
C LEU A 311 25.02 10.64 -31.71
N PRO A 312 24.63 9.79 -32.68
CA PRO A 312 23.71 8.65 -32.51
C PRO A 312 24.16 7.64 -31.47
N GLN A 313 23.53 7.69 -30.30
CA GLN A 313 23.86 6.76 -29.24
C GLN A 313 23.71 5.35 -29.79
N MET A 314 22.76 5.19 -30.71
CA MET A 314 22.47 3.92 -31.37
C MET A 314 23.68 3.29 -32.05
N LEU A 315 24.39 4.07 -32.85
CA LEU A 315 25.53 3.62 -33.64
C LEU A 315 26.77 3.05 -32.94
N SER A 316 27.06 3.52 -31.73
CA SER A 316 28.24 3.05 -31.00
C SER A 316 28.33 1.52 -30.95
N GLY A 317 27.29 0.90 -30.39
CA GLY A 317 27.27 -0.55 -30.27
C GLY A 317 27.11 -1.31 -31.56
N LEU A 318 26.65 -0.65 -32.61
CA LEU A 318 26.48 -1.32 -33.90
C LEU A 318 27.77 -1.25 -34.71
N ASP A 319 28.70 -0.44 -34.23
CA ASP A 319 29.99 -0.25 -34.89
C ASP A 319 30.81 -1.56 -34.83
N GLU A 320 31.24 -2.04 -35.98
CA GLU A 320 32.02 -3.28 -36.07
C GLU A 320 33.39 -3.08 -35.40
N ARG A 321 33.81 -1.83 -35.27
CA ARG A 321 35.10 -1.55 -34.64
C ARG A 321 34.93 -1.63 -33.13
N GLU A 322 33.72 -1.93 -32.67
CA GLU A 322 33.47 -2.06 -31.24
C GLU A 322 32.97 -3.47 -30.93
N ASN A 323 32.23 -4.05 -31.87
CA ASN A 323 31.67 -5.38 -31.69
C ASN A 323 31.66 -6.18 -32.99
N ALA A 324 32.39 -7.29 -33.01
CA ALA A 324 32.43 -8.14 -34.20
C ALA A 324 31.02 -8.62 -34.50
N ALA A 325 30.69 -8.74 -35.78
CA ALA A 325 29.36 -9.17 -36.20
C ALA A 325 28.33 -8.44 -35.34
N PRO A 326 28.39 -7.09 -35.37
CA PRO A 326 27.47 -6.25 -34.60
C PRO A 326 25.99 -6.54 -34.79
N MET A 327 25.59 -6.87 -36.01
CA MET A 327 24.19 -7.15 -36.28
C MET A 327 23.71 -8.50 -35.75
N HIS A 328 24.62 -9.32 -35.24
CA HIS A 328 24.23 -10.61 -34.69
C HIS A 328 24.00 -10.52 -33.19
N VAL A 329 22.89 -11.09 -32.72
CA VAL A 329 22.55 -11.11 -31.30
C VAL A 329 23.19 -12.31 -30.64
N ASP A 330 24.07 -12.06 -29.68
CA ASP A 330 24.76 -13.12 -28.98
C ASP A 330 24.69 -12.89 -27.47
N PHE A 331 23.80 -13.62 -26.79
CA PHE A 331 23.65 -13.47 -25.36
C PHE A 331 24.90 -13.85 -24.60
N SER A 332 25.85 -14.47 -25.29
CA SER A 332 27.11 -14.86 -24.68
C SER A 332 28.23 -13.89 -25.03
N ARG A 333 27.92 -12.90 -25.85
CA ARG A 333 28.91 -11.90 -26.25
C ARG A 333 29.78 -11.50 -25.06
N GLN A 334 31.08 -11.72 -25.18
CA GLN A 334 32.01 -11.43 -24.11
C GLN A 334 32.12 -9.99 -23.64
N LYS A 335 32.23 -9.07 -24.60
CA LYS A 335 32.34 -7.67 -24.27
C LYS A 335 31.26 -6.89 -25.00
N VAL A 336 30.12 -6.68 -24.34
CA VAL A 336 29.02 -5.95 -24.95
C VAL A 336 29.33 -4.45 -24.85
N SER A 337 29.77 -3.88 -25.96
CA SER A 337 30.11 -2.47 -25.99
C SER A 337 28.97 -1.64 -26.59
N HIS A 338 28.56 -0.59 -25.89
CA HIS A 338 27.47 0.28 -26.35
C HIS A 338 27.38 1.60 -25.57
N THR A 339 26.59 2.52 -26.10
CA THR A 339 26.33 3.81 -25.45
C THR A 339 24.81 4.01 -25.59
N THR A 340 24.08 2.92 -25.38
CA THR A 340 22.62 2.95 -25.49
C THR A 340 21.96 3.93 -24.53
N PHE A 341 22.45 3.99 -23.29
CA PHE A 341 21.90 4.93 -22.32
C PHE A 341 22.68 6.25 -22.33
N GLY A 342 23.39 6.50 -23.43
CA GLY A 342 24.16 7.73 -23.55
C GLY A 342 25.60 7.52 -23.11
N HIS A 343 26.32 8.62 -22.96
CA HIS A 343 27.73 8.60 -22.57
C HIS A 343 28.10 9.98 -22.04
N GLY A 344 28.95 10.02 -21.03
CA GLY A 344 29.34 11.31 -20.49
C GLY A 344 28.50 11.72 -19.30
N SER A 345 28.45 13.02 -19.03
CA SER A 345 27.70 13.54 -17.89
C SER A 345 26.18 13.45 -18.00
N HIS A 346 25.67 13.04 -19.17
CA HIS A 346 24.22 12.96 -19.38
C HIS A 346 23.69 11.52 -19.41
N LEU A 347 24.51 10.60 -18.93
CA LEU A 347 24.15 9.19 -18.85
C LEU A 347 22.73 9.05 -18.29
N CYS A 348 21.86 8.40 -19.07
CA CYS A 348 20.47 8.22 -18.68
C CYS A 348 20.18 7.92 -17.21
N LEU A 349 19.38 8.77 -16.61
CA LEU A 349 18.97 8.63 -15.21
C LEU A 349 17.97 7.49 -15.01
N GLY A 350 17.23 7.16 -16.07
CA GLY A 350 16.25 6.10 -15.95
C GLY A 350 16.73 4.72 -16.38
N GLN A 351 18.03 4.58 -16.62
CA GLN A 351 18.58 3.30 -17.06
C GLN A 351 18.33 2.16 -16.09
N HIS A 352 18.32 2.46 -14.80
CA HIS A 352 18.09 1.42 -13.80
C HIS A 352 16.64 0.98 -13.85
N LEU A 353 15.73 1.94 -13.99
CA LEU A 353 14.30 1.62 -14.09
C LEU A 353 14.06 0.84 -15.38
N ALA A 354 14.73 1.26 -16.44
CA ALA A 354 14.60 0.64 -17.75
C ALA A 354 15.06 -0.82 -17.72
N ARG A 355 16.23 -1.09 -17.14
CA ARG A 355 16.73 -2.46 -17.08
C ARG A 355 15.78 -3.37 -16.32
N ARG A 356 15.28 -2.87 -15.20
CA ARG A 356 14.36 -3.64 -14.38
C ARG A 356 13.11 -3.97 -15.19
N GLU A 357 12.60 -2.96 -15.92
CA GLU A 357 11.39 -3.18 -16.73
C GLU A 357 11.62 -4.21 -17.83
N ILE A 358 12.81 -4.19 -18.39
CA ILE A 358 13.19 -5.11 -19.46
C ILE A 358 13.36 -6.54 -18.96
N ILE A 359 14.15 -6.71 -17.90
CA ILE A 359 14.43 -8.03 -17.34
C ILE A 359 13.15 -8.68 -16.81
N VAL A 360 12.38 -7.94 -16.01
CA VAL A 360 11.11 -8.43 -15.48
C VAL A 360 10.22 -8.89 -16.63
N THR A 361 10.17 -8.12 -17.70
CA THR A 361 9.35 -8.47 -18.86
C THR A 361 9.78 -9.84 -19.39
N LEU A 362 11.06 -9.94 -19.76
CA LEU A 362 11.59 -11.20 -20.30
C LEU A 362 11.33 -12.39 -19.39
N LYS A 363 11.65 -12.23 -18.11
CA LYS A 363 11.47 -13.30 -17.14
C LYS A 363 10.00 -13.70 -16.97
N GLU A 364 9.13 -12.72 -16.79
CA GLU A 364 7.70 -12.98 -16.61
C GLU A 364 6.98 -13.44 -17.88
N TRP A 365 7.47 -13.00 -19.04
CA TRP A 365 6.83 -13.37 -20.29
C TRP A 365 7.26 -14.75 -20.78
N LEU A 366 8.56 -15.01 -20.79
CA LEU A 366 9.03 -16.31 -21.28
C LEU A 366 8.58 -17.42 -20.35
N THR A 367 8.34 -17.08 -19.09
CA THR A 367 7.92 -18.07 -18.11
C THR A 367 6.46 -18.46 -18.27
N ARG A 368 5.66 -17.60 -18.91
CA ARG A 368 4.25 -17.87 -19.12
C ARG A 368 3.92 -18.18 -20.58
N ILE A 369 4.55 -17.45 -21.51
CA ILE A 369 4.32 -17.66 -22.94
C ILE A 369 5.66 -17.91 -23.64
N PRO A 370 6.30 -19.05 -23.34
CA PRO A 370 7.59 -19.40 -23.95
C PRO A 370 7.61 -19.51 -25.47
N ASP A 371 6.51 -19.96 -26.07
CA ASP A 371 6.45 -20.12 -27.51
C ASP A 371 5.46 -19.17 -28.16
N PHE A 372 5.98 -18.28 -29.00
CA PHE A 372 5.15 -17.30 -29.69
C PHE A 372 5.83 -16.82 -30.96
N SER A 373 5.05 -16.29 -31.88
CA SER A 373 5.59 -15.80 -33.14
C SER A 373 4.88 -14.56 -33.64
N ILE A 374 5.36 -14.00 -34.75
CA ILE A 374 4.75 -12.82 -35.34
C ILE A 374 3.58 -13.26 -36.21
N ALA A 375 2.44 -12.58 -36.10
CA ALA A 375 1.27 -12.92 -36.90
C ALA A 375 1.66 -12.91 -38.37
N PRO A 376 1.34 -13.99 -39.09
CA PRO A 376 1.63 -14.17 -40.52
C PRO A 376 1.19 -13.04 -41.45
N GLY A 377 1.99 -12.82 -42.48
CA GLY A 377 1.72 -11.77 -43.45
C GLY A 377 2.22 -10.40 -43.01
N ALA A 378 2.07 -10.13 -41.71
CA ALA A 378 2.48 -8.86 -41.12
C ALA A 378 3.86 -8.37 -41.55
N GLN A 379 3.90 -7.18 -42.12
CA GLN A 379 5.13 -6.53 -42.56
C GLN A 379 5.45 -5.54 -41.44
N ILE A 380 6.21 -5.97 -40.43
CA ILE A 380 6.55 -5.10 -39.31
C ILE A 380 7.27 -3.83 -39.77
N GLN A 381 6.73 -2.68 -39.39
CA GLN A 381 7.31 -1.39 -39.75
C GLN A 381 7.96 -0.62 -38.62
N HIS A 382 9.10 -0.02 -38.92
CA HIS A 382 9.84 0.77 -37.94
C HIS A 382 9.66 2.26 -38.29
N LYS A 383 9.99 3.14 -37.35
CA LYS A 383 9.89 4.58 -37.58
C LYS A 383 11.14 5.22 -36.97
N SER A 384 11.75 6.15 -37.70
CA SER A 384 12.97 6.80 -37.24
C SER A 384 12.80 8.23 -36.72
N GLY A 385 13.64 8.60 -35.76
CA GLY A 385 13.61 9.94 -35.19
C GLY A 385 14.63 10.07 -34.05
N ILE A 386 14.41 11.03 -33.15
CA ILE A 386 15.32 11.19 -32.02
C ILE A 386 15.30 9.85 -31.29
N VAL A 387 14.12 9.26 -31.20
CA VAL A 387 13.96 7.96 -30.59
C VAL A 387 13.20 7.14 -31.63
N SER A 388 13.81 6.07 -32.11
CA SER A 388 13.17 5.23 -33.11
C SER A 388 12.17 4.25 -32.48
N GLY A 389 11.18 3.82 -33.25
CA GLY A 389 10.20 2.90 -32.70
C GLY A 389 9.61 1.89 -33.67
N VAL A 390 8.74 1.04 -33.13
CA VAL A 390 8.04 0.02 -33.88
C VAL A 390 6.57 0.43 -34.01
N GLN A 391 6.09 0.50 -35.24
CA GLN A 391 4.72 0.89 -35.53
C GLN A 391 3.68 -0.02 -34.87
N ALA A 392 3.71 -1.30 -35.22
CA ALA A 392 2.77 -2.27 -34.65
C ALA A 392 3.43 -3.63 -34.58
N LEU A 393 3.00 -4.46 -33.63
CA LEU A 393 3.60 -5.79 -33.47
C LEU A 393 2.59 -6.86 -33.12
N PRO A 394 1.91 -7.43 -34.13
CA PRO A 394 0.92 -8.47 -33.87
C PRO A 394 1.59 -9.83 -33.58
N LEU A 395 1.36 -10.35 -32.38
CA LEU A 395 1.93 -11.63 -31.97
C LEU A 395 0.83 -12.67 -31.87
N VAL A 396 1.20 -13.94 -32.02
CA VAL A 396 0.26 -15.06 -31.94
C VAL A 396 0.91 -16.24 -31.24
N TRP A 397 0.11 -17.05 -30.55
CA TRP A 397 0.63 -18.21 -29.85
C TRP A 397 -0.48 -19.20 -29.50
N ASP A 398 -0.11 -20.47 -29.37
CA ASP A 398 -1.07 -21.51 -29.03
C ASP A 398 -1.23 -21.52 -27.51
N PRO A 399 -2.42 -21.16 -27.01
CA PRO A 399 -2.67 -21.14 -25.57
C PRO A 399 -2.21 -22.44 -24.88
N ALA A 400 -2.25 -23.55 -25.62
CA ALA A 400 -1.86 -24.84 -25.08
C ALA A 400 -0.38 -24.92 -24.74
N THR A 401 0.44 -24.07 -25.37
CA THR A 401 1.87 -24.09 -25.10
C THR A 401 2.25 -23.12 -23.98
N THR A 402 1.25 -22.50 -23.36
CA THR A 402 1.49 -21.56 -22.28
C THR A 402 1.34 -22.23 -20.91
N LYS A 403 1.68 -21.49 -19.86
CA LYS A 403 1.57 -21.99 -18.50
C LYS A 403 1.35 -20.82 -17.56
N ALA A 404 0.44 -20.98 -16.61
CA ALA A 404 0.18 -19.93 -15.64
C ALA A 404 1.19 -20.11 -14.50
N VAL A 405 1.63 -19.00 -13.91
CA VAL A 405 2.58 -19.06 -12.82
C VAL A 405 2.17 -18.17 -11.65
N ASN B 1 -18.50 1.21 0.60
CA ASN B 1 -17.89 2.57 0.64
C ASN B 1 -16.43 2.50 1.10
N LEU B 2 -15.51 2.71 0.18
CA LEU B 2 -14.07 2.66 0.47
C LEU B 2 -13.42 4.03 0.32
N ALA B 3 -12.81 4.51 1.40
CA ALA B 3 -12.15 5.80 1.39
C ALA B 3 -10.88 5.79 0.54
N PRO B 4 -10.70 6.83 -0.28
CA PRO B 4 -9.52 6.96 -1.15
C PRO B 4 -8.18 6.78 -0.44
N LEU B 5 -7.32 5.93 -1.01
CA LEU B 5 -6.02 5.62 -0.43
C LEU B 5 -5.09 6.82 -0.30
N PRO B 6 -4.67 7.15 0.93
CA PRO B 6 -3.77 8.28 1.17
C PRO B 6 -2.43 8.05 0.49
N PRO B 7 -1.84 9.11 -0.10
CA PRO B 7 -0.56 9.05 -0.81
C PRO B 7 0.58 8.36 -0.06
N HIS B 8 0.59 8.44 1.25
CA HIS B 8 1.65 7.82 2.04
C HIS B 8 1.46 6.33 2.27
N VAL B 9 0.32 5.78 1.85
CA VAL B 9 0.03 4.37 2.04
C VAL B 9 0.21 3.55 0.76
N PRO B 10 1.20 2.64 0.75
CA PRO B 10 1.52 1.76 -0.38
C PRO B 10 0.44 0.72 -0.70
N GLU B 11 0.29 0.43 -1.99
CA GLU B 11 -0.70 -0.53 -2.48
C GLU B 11 -0.66 -1.88 -1.77
N HIS B 12 0.51 -2.51 -1.75
CA HIS B 12 0.66 -3.83 -1.15
C HIS B 12 0.29 -3.98 0.33
N LEU B 13 0.02 -2.86 1.01
CA LEU B 13 -0.33 -2.93 2.42
C LEU B 13 -1.83 -2.75 2.63
N VAL B 14 -2.55 -2.57 1.53
CA VAL B 14 -3.99 -2.36 1.60
C VAL B 14 -4.72 -3.69 1.82
N PHE B 15 -5.63 -3.71 2.78
CA PHE B 15 -6.43 -4.89 3.11
C PHE B 15 -7.73 -4.31 3.63
N ASP B 16 -8.74 -4.23 2.77
CA ASP B 16 -10.02 -3.63 3.13
C ASP B 16 -10.89 -4.38 4.12
N PHE B 17 -10.36 -4.60 5.32
CA PHE B 17 -11.11 -5.29 6.37
C PHE B 17 -12.11 -4.31 7.00
N ASP B 18 -13.38 -4.69 7.02
CA ASP B 18 -14.44 -3.87 7.61
C ASP B 18 -14.73 -4.43 9.01
N MET B 19 -14.27 -3.72 10.03
CA MET B 19 -14.45 -4.17 11.41
C MET B 19 -15.90 -4.26 11.89
N TYR B 20 -16.82 -3.61 11.19
CA TYR B 20 -18.23 -3.65 11.58
C TYR B 20 -19.05 -4.64 10.79
N ASN B 21 -18.43 -5.28 9.80
CA ASN B 21 -19.10 -6.26 8.96
C ASN B 21 -18.05 -7.04 8.18
N PRO B 22 -17.16 -7.76 8.87
CA PRO B 22 -16.09 -8.54 8.25
C PRO B 22 -16.57 -9.68 7.33
N SER B 23 -15.81 -9.94 6.27
CA SER B 23 -16.13 -10.97 5.29
C SER B 23 -16.56 -12.34 5.80
N ASN B 24 -15.68 -12.98 6.57
CA ASN B 24 -15.97 -14.33 7.07
C ASN B 24 -16.82 -14.39 8.33
N LEU B 25 -17.63 -13.37 8.58
CA LEU B 25 -18.46 -13.33 9.76
C LEU B 25 -19.25 -14.61 10.02
N SER B 26 -19.77 -15.21 8.96
CA SER B 26 -20.55 -16.44 9.08
C SER B 26 -19.83 -17.55 9.81
N ALA B 27 -18.52 -17.62 9.63
CA ALA B 27 -17.70 -18.65 10.27
C ALA B 27 -17.39 -18.37 11.74
N GLY B 28 -17.90 -17.26 12.26
CA GLY B 28 -17.65 -16.89 13.65
C GLY B 28 -16.81 -15.63 13.66
N VAL B 29 -17.22 -14.64 14.45
CA VAL B 29 -16.49 -13.37 14.47
C VAL B 29 -14.99 -13.49 14.74
N GLN B 30 -14.58 -14.37 15.66
CA GLN B 30 -13.15 -14.50 15.91
C GLN B 30 -12.47 -15.06 14.65
N GLU B 31 -13.15 -15.99 13.99
CA GLU B 31 -12.61 -16.57 12.77
C GLU B 31 -12.50 -15.48 11.70
N ALA B 32 -13.52 -14.64 11.62
CA ALA B 32 -13.55 -13.55 10.65
C ALA B 32 -12.37 -12.59 10.79
N TRP B 33 -11.99 -12.28 12.03
CA TRP B 33 -10.87 -11.37 12.26
C TRP B 33 -9.54 -12.06 12.01
N ALA B 34 -9.52 -13.38 12.23
CA ALA B 34 -8.31 -14.17 12.06
C ALA B 34 -7.80 -14.22 10.61
N VAL B 35 -8.61 -13.78 9.65
CA VAL B 35 -8.19 -13.80 8.26
C VAL B 35 -7.04 -12.79 8.11
N LEU B 36 -7.03 -11.81 9.00
CA LEU B 36 -5.98 -10.80 8.99
C LEU B 36 -4.67 -11.45 9.39
N GLN B 37 -4.75 -12.67 9.89
CA GLN B 37 -3.56 -13.38 10.33
C GLN B 37 -3.11 -14.51 9.41
N GLU B 38 -3.72 -14.61 8.25
CA GLU B 38 -3.31 -15.63 7.29
C GLU B 38 -1.90 -15.27 6.81
N SER B 39 -1.09 -16.29 6.54
CA SER B 39 0.30 -16.11 6.09
C SER B 39 0.52 -15.09 4.97
N ASN B 40 -0.50 -14.88 4.16
CA ASN B 40 -0.44 -13.93 3.04
C ASN B 40 -0.66 -12.47 3.43
N VAL B 41 -0.81 -12.23 4.73
CA VAL B 41 -1.04 -10.87 5.25
C VAL B 41 0.12 -10.32 6.09
N PRO B 42 0.48 -9.05 5.86
CA PRO B 42 1.57 -8.34 6.56
C PRO B 42 1.19 -8.10 8.02
N ASP B 43 2.17 -7.80 8.85
CA ASP B 43 1.93 -7.53 10.27
C ASP B 43 1.16 -6.23 10.45
N LEU B 44 1.20 -5.38 9.43
CA LEU B 44 0.52 -4.10 9.48
C LEU B 44 -0.10 -3.84 8.12
N VAL B 45 -1.40 -3.54 8.11
CA VAL B 45 -2.10 -3.28 6.86
C VAL B 45 -3.04 -2.10 6.97
N TRP B 46 -3.43 -1.54 5.84
CA TRP B 46 -4.34 -0.40 5.82
C TRP B 46 -5.68 -0.73 5.16
N THR B 47 -6.77 -0.46 5.87
CA THR B 47 -8.08 -0.69 5.30
C THR B 47 -8.67 0.64 4.91
N ARG B 48 -9.40 0.67 3.81
CA ARG B 48 -10.03 1.88 3.32
C ARG B 48 -11.46 1.95 3.82
N CYS B 49 -11.87 0.91 4.56
CA CYS B 49 -13.21 0.87 5.12
C CYS B 49 -13.26 1.80 6.32
N ASN B 50 -14.47 2.24 6.66
CA ASN B 50 -14.69 3.11 7.80
C ASN B 50 -13.79 4.34 7.86
N GLY B 51 -13.67 5.04 6.74
CA GLY B 51 -12.86 6.25 6.71
C GLY B 51 -11.40 5.99 6.45
N GLY B 52 -10.95 4.75 6.62
CA GLY B 52 -9.55 4.43 6.39
C GLY B 52 -8.72 4.44 7.66
N HIS B 53 -7.93 3.38 7.87
CA HIS B 53 -7.12 3.25 9.07
C HIS B 53 -6.22 2.00 9.06
N TRP B 54 -5.16 2.03 9.86
CA TRP B 54 -4.25 0.90 9.96
C TRP B 54 -4.84 -0.16 10.88
N ILE B 55 -4.28 -1.36 10.82
CA ILE B 55 -4.69 -2.49 11.66
C ILE B 55 -3.48 -3.36 11.93
N ALA B 56 -3.04 -3.43 13.18
CA ALA B 56 -1.91 -4.28 13.53
C ALA B 56 -2.52 -5.68 13.61
N THR B 57 -1.97 -6.63 12.87
CA THR B 57 -2.52 -7.99 12.84
C THR B 57 -1.82 -9.00 13.73
N ARG B 58 -0.70 -8.60 14.32
CA ARG B 58 0.05 -9.53 15.17
C ARG B 58 0.27 -9.05 16.60
N GLY B 59 0.20 -10.00 17.53
CA GLY B 59 0.37 -9.72 18.95
C GLY B 59 1.55 -8.86 19.36
N GLN B 60 2.70 -9.05 18.72
CA GLN B 60 3.88 -8.27 19.06
C GLN B 60 3.68 -6.78 18.75
N LEU B 61 3.17 -6.46 17.57
CA LEU B 61 2.97 -5.06 17.23
C LEU B 61 1.88 -4.44 18.09
N ILE B 62 0.81 -5.20 18.33
CA ILE B 62 -0.29 -4.73 19.14
C ILE B 62 0.18 -4.34 20.53
N ARG B 63 0.96 -5.21 21.16
CA ARG B 63 1.47 -4.94 22.50
C ARG B 63 2.39 -3.74 22.50
N GLU B 64 3.28 -3.68 21.51
CA GLU B 64 4.25 -2.60 21.40
C GLU B 64 3.58 -1.24 21.27
N ALA B 65 2.53 -1.16 20.46
CA ALA B 65 1.82 0.10 20.27
C ALA B 65 1.04 0.48 21.53
N TYR B 66 0.49 -0.51 22.23
CA TYR B 66 -0.25 -0.21 23.45
C TYR B 66 0.67 0.29 24.55
N GLU B 67 1.96 -0.08 24.48
CA GLU B 67 2.92 0.36 25.49
C GLU B 67 3.47 1.75 25.16
N ASP B 68 3.68 2.01 23.87
CA ASP B 68 4.23 3.29 23.42
C ASP B 68 3.13 4.34 23.24
N TYR B 69 2.69 4.95 24.34
CA TYR B 69 1.64 5.95 24.28
C TYR B 69 2.09 7.33 23.82
N ARG B 70 3.40 7.56 23.73
CA ARG B 70 3.88 8.85 23.25
C ARG B 70 3.60 8.91 21.75
N HIS B 71 3.66 7.74 21.10
CA HIS B 71 3.41 7.64 19.66
C HIS B 71 1.98 7.24 19.31
N PHE B 72 1.38 6.39 20.14
CA PHE B 72 0.01 5.95 19.90
C PHE B 72 -0.82 6.42 21.08
N SER B 73 -1.49 7.55 20.89
CA SER B 73 -2.30 8.19 21.91
C SER B 73 -3.74 7.71 21.98
N SER B 74 -4.27 7.64 23.21
CA SER B 74 -5.64 7.22 23.45
C SER B 74 -6.63 8.35 23.22
N GLU B 75 -6.15 9.55 22.93
CA GLU B 75 -7.05 10.68 22.69
C GLU B 75 -8.14 10.30 21.72
N CYS B 76 -7.79 9.68 20.60
CA CYS B 76 -8.78 9.27 19.60
C CYS B 76 -8.70 7.74 19.47
N PRO B 77 -9.35 7.00 20.38
CA PRO B 77 -9.35 5.53 20.42
C PRO B 77 -10.43 4.78 19.63
N TRP B 78 -11.47 5.48 19.20
CA TRP B 78 -12.56 4.85 18.47
C TRP B 78 -12.46 5.07 16.96
N ILE B 79 -13.11 4.16 16.23
CA ILE B 79 -13.19 4.23 14.78
C ILE B 79 -14.68 4.11 14.51
N PRO B 80 -15.21 4.89 13.56
CA PRO B 80 -14.58 5.89 12.70
C PRO B 80 -14.06 7.13 13.43
N ARG B 81 -13.34 7.96 12.71
CA ARG B 81 -12.77 9.19 13.26
C ARG B 81 -13.77 10.08 14.00
N GLU B 82 -14.98 10.23 13.47
CA GLU B 82 -15.99 11.06 14.15
C GLU B 82 -16.18 10.54 15.57
N ALA B 83 -16.32 9.22 15.69
CA ALA B 83 -16.49 8.58 16.99
C ALA B 83 -15.26 8.82 17.86
N GLY B 84 -14.09 8.50 17.31
CA GLY B 84 -12.87 8.72 18.04
C GLY B 84 -12.75 10.13 18.56
N GLU B 85 -13.08 11.12 17.73
CA GLU B 85 -12.98 12.51 18.15
C GLU B 85 -14.03 12.89 19.19
N ALA B 86 -15.18 12.23 19.18
CA ALA B 86 -16.21 12.56 20.17
C ALA B 86 -15.91 11.85 21.48
N PHE B 87 -15.32 10.67 21.37
CA PHE B 87 -14.98 9.83 22.51
C PHE B 87 -14.17 10.55 23.59
N ASP B 88 -14.78 10.83 24.73
CA ASP B 88 -14.05 11.51 25.80
C ASP B 88 -14.21 10.85 27.17
N PHE B 89 -14.51 9.56 27.17
CA PHE B 89 -14.67 8.85 28.44
C PHE B 89 -13.36 8.86 29.21
N ILE B 90 -13.48 8.85 30.54
CA ILE B 90 -12.32 8.87 31.42
C ILE B 90 -12.23 7.56 32.18
N PRO B 91 -11.02 7.00 32.32
CA PRO B 91 -9.74 7.51 31.83
C PRO B 91 -9.28 6.99 30.45
N THR B 92 -10.17 6.38 29.70
CA THR B 92 -9.85 5.81 28.40
C THR B 92 -9.35 6.77 27.35
N SER B 93 -9.82 8.02 27.37
CA SER B 93 -9.38 8.98 26.37
C SER B 93 -8.17 9.80 26.82
N MET B 94 -7.48 9.36 27.87
CA MET B 94 -6.32 10.08 28.37
C MET B 94 -5.06 9.22 28.34
N ASP B 95 -3.91 9.85 28.10
CA ASP B 95 -2.65 9.12 28.08
C ASP B 95 -1.94 9.43 29.40
N PRO B 96 -0.97 8.57 29.77
CA PRO B 96 -0.28 8.89 31.03
C PRO B 96 0.50 10.16 30.68
N PRO B 97 0.91 10.93 31.69
CA PRO B 97 0.70 10.69 33.12
C PRO B 97 -0.58 11.17 33.78
N GLU B 98 -1.42 11.97 33.14
CA GLU B 98 -2.60 12.39 33.87
C GLU B 98 -3.78 11.45 33.83
N GLN B 99 -3.64 10.32 33.14
CA GLN B 99 -4.72 9.32 33.08
C GLN B 99 -4.74 8.64 34.45
N ARG B 100 -3.54 8.27 34.91
CA ARG B 100 -3.35 7.59 36.19
C ARG B 100 -4.24 8.14 37.30
N GLN B 101 -4.20 9.45 37.43
CA GLN B 101 -4.97 10.21 38.42
C GLN B 101 -6.41 9.68 38.53
N PHE B 102 -7.11 9.66 37.41
CA PHE B 102 -8.50 9.20 37.39
C PHE B 102 -8.63 7.70 37.49
N ARG B 103 -7.64 7.00 36.93
CA ARG B 103 -7.66 5.55 36.95
C ARG B 103 -7.79 5.04 38.37
N ALA B 104 -7.13 5.71 39.31
CA ALA B 104 -7.19 5.29 40.72
C ALA B 104 -8.60 5.40 41.31
N LEU B 105 -9.30 6.48 41.01
CA LEU B 105 -10.67 6.66 41.52
C LEU B 105 -11.62 5.64 40.93
N ALA B 106 -11.48 5.36 39.63
CA ALA B 106 -12.34 4.40 38.95
C ALA B 106 -12.09 3.02 39.52
N ASN B 107 -10.82 2.76 39.81
CA ASN B 107 -10.41 1.47 40.37
C ASN B 107 -11.00 1.26 41.76
N GLN B 108 -11.37 2.36 42.41
CA GLN B 108 -11.93 2.27 43.76
C GLN B 108 -13.39 1.84 43.75
N VAL B 109 -14.07 1.99 42.63
CA VAL B 109 -15.47 1.62 42.57
C VAL B 109 -15.80 0.31 41.86
N VAL B 110 -14.83 -0.28 41.16
CA VAL B 110 -15.07 -1.53 40.45
C VAL B 110 -13.91 -2.50 40.64
N GLY B 111 -12.99 -2.15 41.51
CA GLY B 111 -11.84 -2.98 41.77
C GLY B 111 -12.13 -4.20 42.64
N MET B 112 -11.10 -5.02 42.80
CA MET B 112 -11.18 -6.26 43.58
C MET B 112 -11.89 -6.12 44.93
N PRO B 113 -11.58 -5.06 45.69
CA PRO B 113 -12.26 -4.92 46.98
C PRO B 113 -13.78 -4.93 46.81
N VAL B 114 -14.26 -4.18 45.81
CA VAL B 114 -15.70 -4.10 45.52
C VAL B 114 -16.27 -5.43 45.02
N VAL B 115 -15.49 -6.14 44.20
CA VAL B 115 -15.92 -7.42 43.67
C VAL B 115 -16.12 -8.38 44.84
N ASP B 116 -15.25 -8.27 45.84
CA ASP B 116 -15.36 -9.12 47.03
C ASP B 116 -16.66 -8.80 47.75
N LYS B 117 -16.93 -7.51 47.95
CA LYS B 117 -18.16 -7.08 48.62
C LYS B 117 -19.38 -7.66 47.91
N LEU B 118 -19.32 -7.63 46.58
CA LEU B 118 -20.41 -8.11 45.74
C LEU B 118 -20.48 -9.62 45.60
N GLU B 119 -19.49 -10.32 46.10
CA GLU B 119 -19.45 -11.77 46.00
C GLU B 119 -20.79 -12.48 46.22
N ASN B 120 -21.40 -12.26 47.38
CA ASN B 120 -22.68 -12.90 47.70
C ASN B 120 -23.80 -12.65 46.70
N ARG B 121 -24.00 -11.39 46.33
CA ARG B 121 -25.05 -11.04 45.39
C ARG B 121 -24.81 -11.63 44.00
N ILE B 122 -23.56 -11.63 43.54
CA ILE B 122 -23.25 -12.19 42.22
C ILE B 122 -23.63 -13.66 42.16
N GLN B 123 -23.21 -14.41 43.17
CA GLN B 123 -23.50 -15.83 43.25
C GLN B 123 -24.99 -16.10 43.39
N GLU B 124 -25.62 -15.37 44.31
CA GLU B 124 -27.05 -15.52 44.59
C GLU B 124 -27.85 -15.35 43.32
N LEU B 125 -27.57 -14.29 42.56
CA LEU B 125 -28.28 -14.01 41.32
C LEU B 125 -28.05 -15.11 40.28
N ALA B 126 -26.80 -15.53 40.12
CA ALA B 126 -26.48 -16.58 39.14
C ALA B 126 -27.29 -17.83 39.47
N CYS B 127 -27.22 -18.24 40.73
CA CYS B 127 -27.95 -19.43 41.17
C CYS B 127 -29.46 -19.29 40.92
N SER B 128 -30.03 -18.14 41.28
CA SER B 128 -31.47 -17.91 41.09
C SER B 128 -31.86 -17.97 39.63
N LEU B 129 -31.12 -17.23 38.81
CA LEU B 129 -31.39 -17.19 37.36
C LEU B 129 -31.32 -18.59 36.77
N ILE B 130 -30.26 -19.33 37.08
CA ILE B 130 -30.10 -20.67 36.52
C ILE B 130 -31.09 -21.70 37.05
N GLU B 131 -31.32 -21.74 38.35
CA GLU B 131 -32.27 -22.72 38.89
C GLU B 131 -33.65 -22.54 38.26
N SER B 132 -34.02 -21.30 37.98
CA SER B 132 -35.32 -21.00 37.39
C SER B 132 -35.40 -21.56 35.96
N LEU B 133 -34.30 -21.47 35.22
CA LEU B 133 -34.27 -21.97 33.85
C LEU B 133 -34.17 -23.49 33.78
N ARG B 134 -33.40 -24.06 34.71
CA ARG B 134 -33.15 -25.51 34.76
C ARG B 134 -34.27 -26.47 34.34
N PRO B 135 -35.42 -26.43 35.02
CA PRO B 135 -36.52 -27.34 34.64
C PRO B 135 -37.13 -27.13 33.27
N GLN B 136 -36.96 -25.93 32.72
CA GLN B 136 -37.53 -25.60 31.43
C GLN B 136 -36.95 -26.38 30.25
N GLY B 137 -35.73 -26.89 30.39
CA GLY B 137 -35.11 -27.65 29.32
C GLY B 137 -34.75 -26.83 28.09
N GLN B 138 -34.76 -25.50 28.22
CA GLN B 138 -34.43 -24.63 27.11
C GLN B 138 -34.37 -23.17 27.54
N CYS B 139 -33.74 -22.35 26.71
CA CYS B 139 -33.63 -20.92 27.00
C CYS B 139 -32.98 -20.17 25.84
N ASN B 140 -33.16 -18.86 25.84
CA ASN B 140 -32.55 -17.96 24.85
C ASN B 140 -31.45 -17.33 25.70
N PHE B 141 -30.32 -18.02 25.78
CA PHE B 141 -29.22 -17.57 26.62
C PHE B 141 -28.91 -16.08 26.68
N THR B 142 -28.97 -15.38 25.55
CA THR B 142 -28.66 -13.96 25.54
C THR B 142 -29.60 -13.11 26.39
N GLU B 143 -30.90 -13.39 26.32
CA GLU B 143 -31.85 -12.61 27.09
C GLU B 143 -32.21 -13.20 28.45
N ASP B 144 -32.01 -14.51 28.61
CA ASP B 144 -32.37 -15.16 29.88
C ASP B 144 -31.25 -15.17 30.91
N TYR B 145 -30.01 -14.97 30.48
CA TYR B 145 -28.92 -14.98 31.43
C TYR B 145 -27.77 -14.02 31.12
N ALA B 146 -27.19 -14.15 29.93
CA ALA B 146 -26.06 -13.32 29.52
C ALA B 146 -26.29 -11.83 29.78
N GLU B 147 -27.49 -11.36 29.53
CA GLU B 147 -27.79 -9.96 29.74
C GLU B 147 -28.17 -9.66 31.20
N PRO B 148 -29.25 -10.25 31.70
CA PRO B 148 -29.67 -9.99 33.08
C PRO B 148 -28.64 -10.19 34.20
N PHE B 149 -27.82 -11.23 34.09
CA PHE B 149 -26.82 -11.51 35.14
C PHE B 149 -25.80 -10.38 35.34
N PRO B 150 -25.02 -10.04 34.31
CA PRO B 150 -24.02 -8.97 34.44
C PRO B 150 -24.65 -7.58 34.61
N ILE B 151 -25.68 -7.30 33.81
CA ILE B 151 -26.35 -6.01 33.85
C ILE B 151 -27.03 -5.73 35.18
N ARG B 152 -27.75 -6.69 35.73
CA ARG B 152 -28.41 -6.45 36.99
C ARG B 152 -27.41 -6.26 38.13
N ILE B 153 -26.26 -6.93 38.05
CA ILE B 153 -25.24 -6.76 39.07
C ILE B 153 -24.69 -5.34 38.92
N PHE B 154 -24.52 -4.89 37.68
CA PHE B 154 -24.00 -3.56 37.45
C PHE B 154 -24.98 -2.49 37.90
N MET B 155 -26.24 -2.62 37.51
CA MET B 155 -27.25 -1.64 37.92
C MET B 155 -27.35 -1.59 39.44
N LEU B 156 -27.14 -2.72 40.10
CA LEU B 156 -27.21 -2.77 41.57
C LEU B 156 -26.04 -1.98 42.17
N LEU B 157 -24.85 -2.20 41.62
CA LEU B 157 -23.63 -1.53 42.06
C LEU B 157 -23.70 -0.04 41.77
N ALA B 158 -24.32 0.32 40.64
CA ALA B 158 -24.43 1.73 40.25
C ALA B 158 -25.61 2.41 40.91
N GLY B 159 -26.50 1.62 41.50
CA GLY B 159 -27.67 2.20 42.13
C GLY B 159 -28.66 2.75 41.12
N LEU B 160 -28.80 2.08 39.98
CA LEU B 160 -29.73 2.53 38.95
C LEU B 160 -30.92 1.56 38.81
N PRO B 161 -32.13 2.10 38.62
CA PRO B 161 -33.34 1.27 38.48
C PRO B 161 -33.28 0.35 37.26
N GLU B 162 -33.74 -0.89 37.43
CA GLU B 162 -33.72 -1.86 36.35
C GLU B 162 -34.59 -1.49 35.16
N GLU B 163 -35.56 -0.60 35.37
CA GLU B 163 -36.44 -0.20 34.28
C GLU B 163 -35.68 0.64 33.27
N ASP B 164 -34.50 1.10 33.67
CA ASP B 164 -33.67 1.92 32.80
C ASP B 164 -32.79 1.08 31.88
N ILE B 165 -32.72 -0.22 32.12
CA ILE B 165 -31.88 -1.12 31.32
C ILE B 165 -32.10 -1.07 29.81
N PRO B 166 -33.36 -1.19 29.35
CA PRO B 166 -33.58 -1.15 27.90
C PRO B 166 -32.96 0.08 27.24
N HIS B 167 -33.17 1.24 27.85
CA HIS B 167 -32.65 2.49 27.30
C HIS B 167 -31.11 2.52 27.30
N LEU B 168 -30.50 2.17 28.43
CA LEU B 168 -29.06 2.18 28.55
C LEU B 168 -28.36 1.14 27.69
N LYS B 169 -28.94 -0.06 27.59
CA LYS B 169 -28.35 -1.11 26.78
C LYS B 169 -28.41 -0.69 25.31
N TYR B 170 -29.53 -0.11 24.90
CA TYR B 170 -29.68 0.35 23.52
C TYR B 170 -28.59 1.36 23.16
N LEU B 171 -28.41 2.38 24.00
CA LEU B 171 -27.40 3.39 23.76
C LEU B 171 -26.02 2.76 23.76
N THR B 172 -25.80 1.83 24.68
CA THR B 172 -24.51 1.16 24.76
C THR B 172 -24.22 0.37 23.50
N ASP B 173 -25.24 -0.29 22.97
CA ASP B 173 -25.09 -1.08 21.75
C ASP B 173 -24.69 -0.23 20.55
N GLN B 174 -25.12 1.04 20.52
CA GLN B 174 -24.79 1.90 19.40
C GLN B 174 -23.34 2.35 19.42
N MET B 175 -22.71 2.32 20.59
CA MET B 175 -21.31 2.73 20.70
C MET B 175 -20.35 1.61 20.32
N THR B 176 -20.84 0.38 20.32
CA THR B 176 -19.99 -0.77 19.99
C THR B 176 -20.35 -1.48 18.70
N ARG B 177 -21.65 -1.62 18.43
CA ARG B 177 -22.14 -2.30 17.24
C ARG B 177 -23.35 -1.55 16.71
N PRO B 178 -23.18 -0.28 16.32
CA PRO B 178 -24.27 0.56 15.81
C PRO B 178 -25.08 -0.05 14.66
N ASP B 179 -26.40 0.10 14.75
CA ASP B 179 -27.30 -0.41 13.73
C ASP B 179 -27.52 0.68 12.68
N GLY B 180 -26.89 1.83 12.90
CA GLY B 180 -27.03 2.93 11.97
C GLY B 180 -27.96 4.02 12.44
N SER B 181 -28.87 3.68 13.35
CA SER B 181 -29.83 4.65 13.88
C SER B 181 -29.21 5.80 14.66
N MET B 182 -27.99 5.61 15.12
CA MET B 182 -27.30 6.61 15.92
C MET B 182 -25.80 6.62 15.67
N THR B 183 -25.21 7.81 15.67
CA THR B 183 -23.77 7.96 15.51
C THR B 183 -23.19 7.79 16.91
N PHE B 184 -21.89 7.55 17.03
CA PHE B 184 -21.31 7.39 18.37
C PHE B 184 -21.61 8.63 19.18
N ALA B 185 -21.33 9.78 18.60
CA ALA B 185 -21.55 11.06 19.25
C ALA B 185 -22.95 11.23 19.80
N GLU B 186 -23.96 10.81 19.05
CA GLU B 186 -25.35 10.93 19.51
C GLU B 186 -25.59 9.98 20.68
N ALA B 187 -25.01 8.79 20.61
CA ALA B 187 -25.18 7.82 21.68
C ALA B 187 -24.50 8.36 22.93
N LYS B 188 -23.35 9.02 22.78
CA LYS B 188 -22.66 9.58 23.94
C LYS B 188 -23.54 10.62 24.61
N GLU B 189 -23.99 11.59 23.82
CA GLU B 189 -24.85 12.66 24.31
C GLU B 189 -26.03 12.14 25.10
N ALA B 190 -26.72 11.16 24.52
CA ALA B 190 -27.87 10.55 25.17
C ALA B 190 -27.48 9.93 26.50
N LEU B 191 -26.29 9.32 26.56
CA LEU B 191 -25.84 8.69 27.80
C LEU B 191 -25.52 9.77 28.83
N TYR B 192 -24.85 10.82 28.38
CA TYR B 192 -24.50 11.93 29.25
C TYR B 192 -25.77 12.63 29.75
N ASP B 193 -26.77 12.76 28.89
CA ASP B 193 -28.02 13.43 29.26
C ASP B 193 -28.70 12.66 30.39
N TYR B 194 -28.58 11.33 30.33
CA TYR B 194 -29.14 10.46 31.35
C TYR B 194 -28.37 10.63 32.66
N LEU B 195 -27.05 10.67 32.56
CA LEU B 195 -26.19 10.79 33.74
C LEU B 195 -26.13 12.14 34.47
N ILE B 196 -26.12 13.25 33.73
CA ILE B 196 -26.02 14.57 34.35
C ILE B 196 -26.91 14.84 35.57
N PRO B 197 -28.22 14.65 35.45
CA PRO B 197 -29.09 14.91 36.61
C PRO B 197 -28.78 14.00 37.80
N ILE B 198 -28.50 12.73 37.50
CA ILE B 198 -28.20 11.74 38.52
C ILE B 198 -26.93 12.08 39.30
N ILE B 199 -25.92 12.55 38.58
CA ILE B 199 -24.66 12.91 39.19
C ILE B 199 -24.82 14.11 40.11
N GLU B 200 -25.66 15.06 39.71
CA GLU B 200 -25.90 16.24 40.53
C GLU B 200 -26.68 15.89 41.81
N GLN B 201 -27.65 15.00 41.70
CA GLN B 201 -28.41 14.60 42.88
C GLN B 201 -27.46 13.96 43.89
N ARG B 202 -26.64 13.04 43.41
CA ARG B 202 -25.71 12.33 44.28
C ARG B 202 -24.55 13.12 44.85
N ARG B 203 -24.27 14.28 44.27
CA ARG B 203 -23.20 15.13 44.80
C ARG B 203 -23.78 15.85 46.01
N GLN B 204 -25.10 16.02 46.01
CA GLN B 204 -25.82 16.68 47.10
C GLN B 204 -26.14 15.72 48.22
N LYS B 205 -26.47 14.49 47.87
CA LYS B 205 -26.81 13.47 48.85
C LYS B 205 -25.95 12.24 48.66
N PRO B 206 -24.66 12.34 49.00
CA PRO B 206 -23.68 11.26 48.90
C PRO B 206 -24.18 9.89 49.36
N GLY B 207 -24.14 8.92 48.45
CA GLY B 207 -24.60 7.58 48.76
C GLY B 207 -23.48 6.55 48.76
N THR B 208 -23.86 5.29 48.62
CA THR B 208 -22.90 4.19 48.61
C THR B 208 -22.67 3.60 47.23
N ASP B 209 -23.54 3.96 46.29
CA ASP B 209 -23.47 3.44 44.93
C ASP B 209 -22.26 3.93 44.14
N ALA B 210 -21.97 3.25 43.05
CA ALA B 210 -20.81 3.56 42.21
C ALA B 210 -20.79 4.98 41.66
N ILE B 211 -21.93 5.47 41.20
CA ILE B 211 -21.98 6.82 40.67
C ILE B 211 -21.72 7.85 41.77
N SER B 212 -22.28 7.62 42.95
CA SER B 212 -22.06 8.55 44.05
C SER B 212 -20.58 8.59 44.43
N ILE B 213 -19.97 7.42 44.45
CA ILE B 213 -18.55 7.32 44.82
C ILE B 213 -17.69 8.10 43.82
N VAL B 214 -18.05 8.01 42.55
CA VAL B 214 -17.31 8.72 41.53
C VAL B 214 -17.56 10.22 41.59
N ALA B 215 -18.84 10.61 41.67
CA ALA B 215 -19.21 12.01 41.70
C ALA B 215 -18.68 12.80 42.90
N ASN B 216 -18.50 12.13 44.03
CA ASN B 216 -18.01 12.81 45.23
C ASN B 216 -16.53 12.50 45.45
N GLY B 217 -15.94 11.77 44.51
CA GLY B 217 -14.56 11.37 44.64
C GLY B 217 -13.51 12.44 44.44
N GLN B 218 -12.27 12.08 44.75
CA GLN B 218 -11.16 13.00 44.58
C GLN B 218 -10.17 12.40 43.62
N VAL B 219 -9.57 13.25 42.80
CA VAL B 219 -8.57 12.82 41.85
C VAL B 219 -7.25 13.38 42.38
N ASN B 220 -6.47 12.52 43.04
CA ASN B 220 -5.19 12.89 43.64
C ASN B 220 -5.26 14.11 44.57
N GLY B 221 -6.16 14.06 45.55
CA GLY B 221 -6.27 15.15 46.49
C GLY B 221 -7.18 16.33 46.16
N ARG B 222 -7.72 16.40 44.95
CA ARG B 222 -8.62 17.51 44.61
C ARG B 222 -9.97 16.99 44.13
N PRO B 223 -11.02 17.78 44.34
CA PRO B 223 -12.38 17.40 43.93
C PRO B 223 -12.53 17.13 42.44
N ILE B 224 -13.23 16.05 42.10
CA ILE B 224 -13.47 15.71 40.71
C ILE B 224 -14.57 16.69 40.32
N THR B 225 -14.61 17.10 39.06
CA THR B 225 -15.64 18.03 38.61
C THR B 225 -16.85 17.23 38.15
N SER B 226 -17.98 17.91 37.94
CA SER B 226 -19.19 17.23 37.49
C SER B 226 -18.97 16.66 36.10
N ASP B 227 -18.25 17.39 35.27
CA ASP B 227 -17.97 16.96 33.90
C ASP B 227 -17.06 15.73 33.88
N GLU B 228 -16.05 15.71 34.74
CA GLU B 228 -15.13 14.59 34.82
C GLU B 228 -15.86 13.32 35.31
N ALA B 229 -16.75 13.50 36.28
CA ALA B 229 -17.51 12.39 36.86
C ALA B 229 -18.44 11.78 35.81
N LYS B 230 -19.00 12.64 34.98
CA LYS B 230 -19.89 12.21 33.92
C LYS B 230 -19.12 11.33 32.94
N ARG B 231 -17.98 11.83 32.48
CA ARG B 231 -17.15 11.11 31.53
C ARG B 231 -16.61 9.81 32.11
N MET B 232 -16.40 9.77 33.43
CA MET B 232 -15.90 8.56 34.08
C MET B 232 -17.03 7.54 34.19
N CYS B 233 -18.24 8.01 34.54
CA CYS B 233 -19.37 7.10 34.63
C CYS B 233 -19.69 6.54 33.25
N GLY B 234 -19.37 7.32 32.21
CA GLY B 234 -19.61 6.86 30.87
C GLY B 234 -18.79 5.62 30.60
N ALA B 235 -17.50 5.69 30.91
CA ALA B 235 -16.62 4.54 30.71
C ALA B 235 -17.11 3.35 31.54
N LEU B 236 -17.58 3.61 32.76
CA LEU B 236 -18.06 2.54 33.62
C LEU B 236 -19.26 1.81 33.04
N LEU B 237 -20.23 2.57 32.53
CA LEU B 237 -21.43 1.97 31.96
C LEU B 237 -21.12 1.15 30.72
N LEU B 238 -20.27 1.67 29.85
CA LEU B 238 -19.93 0.95 28.63
C LEU B 238 -19.42 -0.44 28.94
N GLY B 239 -18.51 -0.54 29.91
CA GLY B 239 -17.97 -1.85 30.27
C GLY B 239 -18.92 -2.72 31.08
N GLY B 240 -19.62 -2.11 32.03
CA GLY B 240 -20.52 -2.89 32.86
C GLY B 240 -21.79 -3.39 32.18
N LEU B 241 -22.17 -2.75 31.07
CA LEU B 241 -23.39 -3.14 30.39
C LEU B 241 -23.23 -4.00 29.14
N ASP B 242 -22.11 -3.88 28.45
CA ASP B 242 -21.93 -4.59 27.19
C ASP B 242 -20.90 -5.73 27.07
N THR B 243 -19.70 -5.54 27.60
CA THR B 243 -18.67 -6.54 27.43
C THR B 243 -18.82 -7.95 28.01
N VAL B 244 -19.10 -8.09 29.31
CA VAL B 244 -19.23 -9.42 29.87
C VAL B 244 -20.44 -10.13 29.27
N VAL B 245 -21.50 -9.36 29.04
CA VAL B 245 -22.72 -9.89 28.46
C VAL B 245 -22.40 -10.75 27.23
N ASN B 246 -21.69 -10.16 26.28
CA ASN B 246 -21.36 -10.88 25.07
C ASN B 246 -20.33 -11.97 25.26
N PHE B 247 -19.37 -11.74 26.15
CA PHE B 247 -18.37 -12.79 26.34
C PHE B 247 -18.99 -14.07 26.87
N LEU B 248 -19.95 -13.95 27.79
CA LEU B 248 -20.60 -15.12 28.35
C LEU B 248 -21.25 -15.95 27.24
N SER B 249 -21.85 -15.27 26.27
CA SER B 249 -22.49 -15.98 25.16
C SER B 249 -21.48 -16.74 24.31
N PHE B 250 -20.35 -16.11 23.99
CA PHE B 250 -19.32 -16.78 23.19
C PHE B 250 -18.88 -18.03 23.95
N SER B 251 -18.70 -17.88 25.25
CA SER B 251 -18.26 -19.01 26.07
C SER B 251 -19.30 -20.13 26.18
N MET B 252 -20.56 -19.76 26.37
CA MET B 252 -21.59 -20.77 26.52
C MET B 252 -21.88 -21.43 25.17
N GLU B 253 -21.72 -20.68 24.08
CA GLU B 253 -21.95 -21.26 22.76
C GLU B 253 -20.97 -22.43 22.59
N PHE B 254 -19.71 -22.16 22.90
CA PHE B 254 -18.65 -23.15 22.79
C PHE B 254 -18.90 -24.38 23.67
N LEU B 255 -19.21 -24.15 24.94
CA LEU B 255 -19.47 -25.26 25.85
C LEU B 255 -20.64 -26.12 25.38
N ALA B 256 -21.66 -25.48 24.80
CA ALA B 256 -22.82 -26.21 24.31
C ALA B 256 -22.45 -27.14 23.16
N LYS B 257 -21.29 -26.89 22.55
CA LYS B 257 -20.83 -27.69 21.42
C LYS B 257 -19.63 -28.55 21.78
N SER B 258 -19.26 -28.56 23.05
CA SER B 258 -18.10 -29.32 23.50
C SER B 258 -18.32 -30.15 24.75
N PRO B 259 -18.97 -31.30 24.61
CA PRO B 259 -19.23 -32.16 25.77
C PRO B 259 -17.95 -32.48 26.56
N GLU B 260 -16.87 -32.76 25.85
CA GLU B 260 -15.61 -33.09 26.50
C GLU B 260 -15.11 -31.97 27.42
N HIS B 261 -15.25 -30.73 26.96
CA HIS B 261 -14.82 -29.59 27.76
C HIS B 261 -15.75 -29.36 28.96
N ARG B 262 -17.03 -29.63 28.80
CA ARG B 262 -17.97 -29.44 29.90
C ARG B 262 -17.65 -30.44 31.01
N GLN B 263 -17.47 -31.69 30.60
CA GLN B 263 -17.16 -32.79 31.51
C GLN B 263 -15.87 -32.55 32.27
N GLU B 264 -14.89 -32.00 31.57
CA GLU B 264 -13.60 -31.72 32.17
C GLU B 264 -13.71 -30.79 33.38
N LEU B 265 -14.55 -29.76 33.26
CA LEU B 265 -14.74 -28.82 34.37
C LEU B 265 -15.66 -29.43 35.42
N ILE B 266 -16.59 -30.29 35.00
CA ILE B 266 -17.49 -30.94 35.93
C ILE B 266 -16.70 -31.91 36.82
N GLU B 267 -15.80 -32.68 36.21
CA GLU B 267 -15.01 -33.65 36.96
C GLU B 267 -13.90 -32.99 37.77
N ARG B 268 -13.33 -31.93 37.24
CA ARG B 268 -12.25 -31.24 37.93
C ARG B 268 -12.58 -29.76 38.07
N PRO B 269 -13.58 -29.43 38.89
CA PRO B 269 -14.00 -28.04 39.08
C PRO B 269 -12.88 -27.04 39.43
N GLU B 270 -11.78 -27.53 39.99
CA GLU B 270 -10.68 -26.63 40.34
C GLU B 270 -9.99 -26.05 39.12
N ARG B 271 -10.35 -26.54 37.94
CA ARG B 271 -9.74 -26.07 36.70
C ARG B 271 -10.59 -24.97 36.08
N ILE B 272 -11.67 -24.60 36.73
CA ILE B 272 -12.54 -23.55 36.18
C ILE B 272 -11.84 -22.21 35.98
N PRO B 273 -11.06 -21.73 36.96
CA PRO B 273 -10.41 -20.43 36.76
C PRO B 273 -9.46 -20.48 35.56
N ALA B 274 -8.69 -21.56 35.45
CA ALA B 274 -7.77 -21.69 34.33
C ALA B 274 -8.56 -21.75 33.03
N ALA B 275 -9.71 -22.42 33.05
CA ALA B 275 -10.55 -22.53 31.86
C ALA B 275 -11.12 -21.16 31.49
N CYS B 276 -11.37 -20.31 32.49
CA CYS B 276 -11.88 -18.97 32.26
C CYS B 276 -10.83 -18.21 31.45
N GLU B 277 -9.56 -18.34 31.81
CA GLU B 277 -8.49 -17.65 31.09
C GLU B 277 -8.38 -18.10 29.63
N GLU B 278 -8.35 -19.41 29.42
CA GLU B 278 -8.25 -19.94 28.05
C GLU B 278 -9.43 -19.48 27.21
N LEU B 279 -10.61 -19.42 27.81
CA LEU B 279 -11.79 -18.96 27.09
C LEU B 279 -11.69 -17.47 26.77
N LEU B 280 -11.07 -16.71 27.69
CA LEU B 280 -10.91 -15.29 27.49
C LEU B 280 -9.96 -15.05 26.30
N ARG B 281 -9.02 -15.97 26.11
CA ARG B 281 -8.08 -15.87 25.00
C ARG B 281 -8.76 -16.29 23.70
N ARG B 282 -9.35 -17.48 23.69
CA ARG B 282 -10.01 -18.00 22.50
C ARG B 282 -11.16 -17.16 21.99
N PHE B 283 -11.92 -16.56 22.90
CA PHE B 283 -13.07 -15.76 22.50
C PHE B 283 -12.96 -14.29 22.87
N SER B 284 -11.74 -13.76 22.77
CA SER B 284 -11.47 -12.37 23.04
C SER B 284 -12.46 -11.63 22.14
N LEU B 285 -12.91 -10.44 22.53
CA LEU B 285 -13.94 -9.76 21.73
C LEU B 285 -13.84 -8.25 21.58
N VAL B 286 -12.82 -7.65 22.19
CA VAL B 286 -12.67 -6.21 22.12
C VAL B 286 -11.61 -5.80 21.10
N ALA B 287 -11.82 -4.66 20.46
CA ALA B 287 -10.87 -4.14 19.49
C ALA B 287 -11.07 -2.66 19.26
N ASP B 288 -10.22 -1.86 19.88
CA ASP B 288 -10.27 -0.42 19.68
C ASP B 288 -8.86 -0.02 19.27
N GLY B 289 -8.51 1.25 19.37
CA GLY B 289 -7.18 1.62 18.94
C GLY B 289 -6.61 2.91 19.48
N ARG B 290 -5.69 3.46 18.69
CA ARG B 290 -5.00 4.69 19.05
C ARG B 290 -4.85 5.57 17.82
N ILE B 291 -4.25 6.74 18.03
CA ILE B 291 -4.01 7.69 16.94
C ILE B 291 -2.58 8.19 17.03
N LEU B 292 -1.90 8.26 15.89
CA LEU B 292 -0.52 8.73 15.83
C LEU B 292 -0.38 10.21 16.22
N THR B 293 0.49 10.47 17.18
CA THR B 293 0.74 11.82 17.67
C THR B 293 1.76 12.57 16.82
N SER B 294 2.36 11.88 15.85
CA SER B 294 3.35 12.47 14.96
C SER B 294 3.76 11.44 13.92
N ASP B 295 4.49 11.87 12.89
CA ASP B 295 4.93 10.93 11.86
C ASP B 295 5.82 9.93 12.59
N TYR B 296 5.76 8.68 12.18
CA TYR B 296 6.56 7.66 12.85
C TYR B 296 6.63 6.41 11.99
N GLU B 297 7.82 5.81 11.89
CA GLU B 297 7.98 4.61 11.09
C GLU B 297 7.87 3.45 12.07
N PHE B 298 6.84 2.63 11.89
CA PHE B 298 6.60 1.50 12.76
C PHE B 298 6.78 0.21 12.00
N HIS B 299 7.82 -0.54 12.37
CA HIS B 299 8.12 -1.80 11.71
C HIS B 299 8.16 -1.65 10.21
N GLY B 300 8.99 -0.73 9.73
CA GLY B 300 9.14 -0.49 8.31
C GLY B 300 7.94 0.10 7.59
N VAL B 301 7.04 0.74 8.34
CA VAL B 301 5.86 1.35 7.73
C VAL B 301 5.77 2.81 8.18
N GLN B 302 5.62 3.70 7.21
CA GLN B 302 5.52 5.13 7.50
C GLN B 302 4.12 5.51 7.96
N LEU B 303 3.99 5.89 9.22
CA LEU B 303 2.70 6.29 9.78
C LEU B 303 2.69 7.82 9.86
N LYS B 304 1.65 8.44 9.33
CA LYS B 304 1.54 9.89 9.35
C LYS B 304 0.79 10.35 10.60
N LYS B 305 1.20 11.51 11.12
CA LYS B 305 0.56 12.06 12.30
C LYS B 305 -0.93 12.19 12.02
N GLY B 306 -1.75 11.78 12.98
CA GLY B 306 -3.19 11.87 12.78
C GLY B 306 -3.78 10.58 12.27
N ASP B 307 -2.93 9.67 11.81
CA ASP B 307 -3.39 8.37 11.32
C ASP B 307 -4.00 7.61 12.48
N GLN B 308 -5.03 6.81 12.20
CA GLN B 308 -5.67 6.01 13.23
C GLN B 308 -5.19 4.57 13.04
N ILE B 309 -4.93 3.88 14.15
CA ILE B 309 -4.49 2.50 14.07
C ILE B 309 -5.29 1.63 15.03
N LEU B 310 -5.98 0.64 14.46
CA LEU B 310 -6.78 -0.30 15.23
C LEU B 310 -5.81 -1.37 15.72
N LEU B 311 -5.80 -1.59 17.04
CA LEU B 311 -4.94 -2.57 17.66
C LEU B 311 -5.87 -3.57 18.34
N PRO B 312 -6.36 -4.55 17.58
CA PRO B 312 -7.28 -5.58 18.11
C PRO B 312 -6.75 -6.33 19.32
N GLN B 313 -7.32 -6.07 20.49
CA GLN B 313 -6.92 -6.80 21.68
C GLN B 313 -7.29 -8.27 21.44
N MET B 314 -8.28 -8.46 20.56
CA MET B 314 -8.77 -9.79 20.21
C MET B 314 -7.71 -10.66 19.51
N LEU B 315 -6.92 -10.05 18.62
CA LEU B 315 -5.92 -10.79 17.84
C LEU B 315 -4.65 -11.27 18.54
N SER B 316 -4.24 -10.62 19.62
CA SER B 316 -3.03 -11.02 20.33
C SER B 316 -3.04 -12.49 20.70
N GLY B 317 -4.11 -12.95 21.36
CA GLY B 317 -4.19 -14.33 21.77
C GLY B 317 -4.48 -15.37 20.69
N LEU B 318 -4.97 -14.92 19.54
CA LEU B 318 -5.28 -15.81 18.43
C LEU B 318 -4.08 -16.01 17.52
N ASP B 319 -3.08 -15.15 17.67
CA ASP B 319 -1.84 -15.19 16.89
C ASP B 319 -1.05 -16.45 17.30
N GLU B 320 -0.86 -17.38 16.38
CA GLU B 320 -0.14 -18.59 16.76
C GLU B 320 1.37 -18.44 16.87
N ARG B 321 1.84 -17.21 16.78
CA ARG B 321 3.26 -16.93 16.98
C ARG B 321 3.33 -16.71 18.50
N GLU B 322 2.15 -16.70 19.12
CA GLU B 322 2.02 -16.53 20.58
C GLU B 322 1.40 -17.77 21.22
N ASN B 323 0.45 -18.38 20.52
CA ASN B 323 -0.21 -19.58 21.04
C ASN B 323 -0.43 -20.60 19.93
N ALA B 324 0.30 -21.71 20.02
CA ALA B 324 0.21 -22.80 19.04
C ALA B 324 -1.23 -23.30 19.00
N ALA B 325 -1.72 -23.60 17.80
CA ALA B 325 -3.09 -24.06 17.62
C ALA B 325 -3.98 -23.09 18.39
N PRO B 326 -3.94 -21.80 18.00
CA PRO B 326 -4.72 -20.71 18.61
C PRO B 326 -6.24 -20.88 18.63
N MET B 327 -6.77 -21.58 17.64
CA MET B 327 -8.21 -21.78 17.55
C MET B 327 -8.70 -22.96 18.39
N HIS B 328 -7.77 -23.75 18.94
CA HIS B 328 -8.16 -24.88 19.77
C HIS B 328 -8.25 -24.44 21.22
N VAL B 329 -9.31 -24.85 21.92
CA VAL B 329 -9.46 -24.53 23.32
C VAL B 329 -8.82 -25.65 24.12
N ASP B 330 -7.80 -25.31 24.91
CA ASP B 330 -7.10 -26.28 25.74
C ASP B 330 -7.01 -25.74 27.16
N PHE B 331 -7.88 -26.24 28.04
CA PHE B 331 -7.89 -25.78 29.41
C PHE B 331 -6.59 -26.01 30.16
N SER B 332 -5.71 -26.83 29.57
CA SER B 332 -4.41 -27.12 30.18
C SER B 332 -3.29 -26.32 29.52
N ARG B 333 -3.63 -25.52 28.52
CA ARG B 333 -2.65 -24.71 27.81
C ARG B 333 -1.66 -24.14 28.83
N GLN B 334 -0.39 -24.44 28.62
CA GLN B 334 0.70 -24.04 29.51
C GLN B 334 0.84 -22.53 29.73
N LYS B 335 0.97 -21.76 28.65
CA LYS B 335 1.12 -20.32 28.75
C LYS B 335 0.06 -19.59 27.95
N VAL B 336 -1.05 -19.30 28.61
CA VAL B 336 -2.16 -18.61 27.97
C VAL B 336 -1.83 -17.14 27.75
N SER B 337 -1.31 -16.84 26.57
CA SER B 337 -0.94 -15.48 26.23
C SER B 337 -2.09 -14.75 25.55
N HIS B 338 -2.36 -13.52 25.99
CA HIS B 338 -3.45 -12.73 25.42
C HIS B 338 -3.42 -11.30 25.93
N THR B 339 -4.25 -10.44 25.33
CA THR B 339 -4.39 -9.04 25.75
C THR B 339 -5.88 -8.75 25.68
N THR B 340 -6.67 -9.74 26.08
CA THR B 340 -8.12 -9.63 26.08
C THR B 340 -8.63 -8.45 26.90
N PHE B 341 -8.00 -8.20 28.04
CA PHE B 341 -8.39 -7.10 28.91
C PHE B 341 -7.52 -5.87 28.63
N GLY B 342 -6.93 -5.85 27.45
CA GLY B 342 -6.09 -4.73 27.07
C GLY B 342 -4.63 -4.97 27.39
N HIS B 343 -3.83 -3.93 27.25
CA HIS B 343 -2.39 -4.03 27.50
C HIS B 343 -1.84 -2.64 27.78
N GLY B 344 -0.90 -2.55 28.71
CA GLY B 344 -0.32 -1.26 29.02
C GLY B 344 -1.00 -0.54 30.18
N SER B 345 -1.05 0.79 30.09
CA SER B 345 -1.64 1.61 31.14
C SER B 345 -3.16 1.63 31.19
N HIS B 346 -3.82 1.12 30.17
CA HIS B 346 -5.29 1.12 30.13
C HIS B 346 -5.93 -0.23 30.41
N LEU B 347 -5.16 -1.14 30.98
CA LEU B 347 -5.62 -2.48 31.31
C LEU B 347 -7.00 -2.37 31.95
N CYS B 348 -7.95 -3.16 31.45
CA CYS B 348 -9.33 -3.12 31.96
C CYS B 348 -9.44 -3.01 33.48
N LEU B 349 -10.26 -2.07 33.94
CA LEU B 349 -10.44 -1.87 35.37
C LEU B 349 -11.53 -2.80 35.92
N GLY B 350 -12.37 -3.30 35.03
CA GLY B 350 -13.43 -4.19 35.47
C GLY B 350 -13.11 -5.65 35.23
N GLN B 351 -11.83 -5.96 35.02
CA GLN B 351 -11.41 -7.33 34.75
C GLN B 351 -11.66 -8.28 35.91
N HIS B 352 -11.58 -7.76 37.14
CA HIS B 352 -11.81 -8.59 38.33
C HIS B 352 -13.30 -8.91 38.45
N LEU B 353 -14.14 -7.93 38.15
CA LEU B 353 -15.57 -8.14 38.19
C LEU B 353 -15.91 -9.10 37.05
N ALA B 354 -15.24 -8.93 35.91
CA ALA B 354 -15.49 -9.79 34.75
C ALA B 354 -15.17 -11.25 35.07
N ARG B 355 -13.93 -11.52 35.49
CA ARG B 355 -13.51 -12.87 35.83
C ARG B 355 -14.43 -13.53 36.85
N ARG B 356 -14.82 -12.77 37.86
CA ARG B 356 -15.70 -13.29 38.90
C ARG B 356 -17.04 -13.74 38.28
N GLU B 357 -17.67 -12.87 37.52
CA GLU B 357 -18.94 -13.20 36.88
C GLU B 357 -18.81 -14.40 35.96
N ILE B 358 -17.67 -14.52 35.27
CA ILE B 358 -17.45 -15.65 34.37
C ILE B 358 -17.29 -16.95 35.16
N ILE B 359 -16.39 -16.95 36.13
CA ILE B 359 -16.15 -18.15 36.93
C ILE B 359 -17.41 -18.59 37.68
N VAL B 360 -18.14 -17.64 38.25
CA VAL B 360 -19.37 -17.98 38.96
C VAL B 360 -20.34 -18.65 37.98
N THR B 361 -20.50 -18.04 36.79
CA THR B 361 -21.40 -18.60 35.79
C THR B 361 -21.02 -20.04 35.42
N LEU B 362 -19.74 -20.25 35.14
CA LEU B 362 -19.24 -21.57 34.77
C LEU B 362 -19.56 -22.58 35.86
N LYS B 363 -19.19 -22.27 37.09
CA LYS B 363 -19.46 -23.19 38.18
C LYS B 363 -20.96 -23.42 38.40
N GLU B 364 -21.70 -22.35 38.67
CA GLU B 364 -23.13 -22.49 38.92
C GLU B 364 -23.96 -23.07 37.80
N TRP B 365 -23.53 -22.87 36.56
CA TRP B 365 -24.29 -23.43 35.45
C TRP B 365 -24.00 -24.93 35.32
N LEU B 366 -22.72 -25.30 35.21
CA LEU B 366 -22.33 -26.69 35.06
C LEU B 366 -22.73 -27.59 36.21
N THR B 367 -22.97 -27.01 37.38
CA THR B 367 -23.39 -27.81 38.56
C THR B 367 -24.86 -28.20 38.46
N ARG B 368 -25.66 -27.33 37.84
CA ARG B 368 -27.08 -27.59 37.73
C ARG B 368 -27.50 -28.12 36.38
N ILE B 369 -26.85 -27.65 35.33
CA ILE B 369 -27.15 -28.05 33.95
C ILE B 369 -25.84 -28.44 33.28
N PRO B 370 -25.31 -29.62 33.62
CA PRO B 370 -24.05 -30.14 33.06
C PRO B 370 -24.10 -30.51 31.59
N ASP B 371 -25.30 -30.82 31.11
CA ASP B 371 -25.48 -31.25 29.74
C ASP B 371 -26.50 -30.40 29.00
N PHE B 372 -26.04 -29.75 27.94
CA PHE B 372 -26.91 -28.91 27.11
C PHE B 372 -26.30 -28.80 25.72
N SER B 373 -27.08 -28.29 24.78
CA SER B 373 -26.61 -28.16 23.41
C SER B 373 -27.35 -27.03 22.70
N ILE B 374 -26.89 -26.69 21.50
CA ILE B 374 -27.52 -25.65 20.69
C ILE B 374 -28.84 -26.22 20.18
N ALA B 375 -29.88 -25.40 20.15
CA ALA B 375 -31.17 -25.86 19.66
C ALA B 375 -30.98 -26.43 18.25
N PRO B 376 -31.59 -27.60 17.98
CA PRO B 376 -31.52 -28.30 16.69
C PRO B 376 -31.66 -27.41 15.46
N GLY B 377 -30.69 -27.54 14.55
CA GLY B 377 -30.73 -26.77 13.32
C GLY B 377 -30.66 -25.26 13.51
N ALA B 378 -30.12 -24.83 14.64
CA ALA B 378 -30.00 -23.41 14.90
C ALA B 378 -28.62 -22.95 14.42
N GLN B 379 -28.55 -21.76 13.85
CA GLN B 379 -27.29 -21.23 13.37
C GLN B 379 -26.99 -19.95 14.15
N ILE B 380 -25.91 -19.98 14.92
CA ILE B 380 -25.54 -18.82 15.73
C ILE B 380 -24.87 -17.76 14.88
N GLN B 381 -25.45 -16.57 14.91
CA GLN B 381 -24.94 -15.42 14.16
C GLN B 381 -24.21 -14.49 15.12
N HIS B 382 -23.00 -14.09 14.75
CA HIS B 382 -22.23 -13.17 15.57
C HIS B 382 -22.32 -11.78 14.97
N LYS B 383 -21.84 -10.79 15.70
CA LYS B 383 -21.86 -9.40 15.24
C LYS B 383 -20.50 -8.81 15.59
N SER B 384 -19.95 -8.02 14.67
CA SER B 384 -18.64 -7.44 14.88
C SER B 384 -18.67 -5.93 15.10
N GLY B 385 -17.68 -5.44 15.83
CA GLY B 385 -17.57 -4.02 16.12
C GLY B 385 -16.49 -3.78 17.15
N ILE B 386 -16.53 -2.65 17.85
CA ILE B 386 -15.54 -2.36 18.89
C ILE B 386 -15.58 -3.53 19.87
N VAL B 387 -16.79 -4.00 20.16
CA VAL B 387 -16.99 -5.15 21.03
C VAL B 387 -17.87 -6.08 20.22
N SER B 388 -17.40 -7.29 19.95
CA SER B 388 -18.18 -8.23 19.15
C SER B 388 -19.10 -9.05 20.03
N GLY B 389 -20.14 -9.61 19.43
CA GLY B 389 -21.09 -10.39 20.20
C GLY B 389 -21.89 -11.44 19.47
N VAL B 390 -22.85 -12.01 20.18
CA VAL B 390 -23.71 -13.06 19.67
C VAL B 390 -25.13 -12.49 19.63
N GLN B 391 -25.78 -12.58 18.48
CA GLN B 391 -27.13 -12.05 18.35
C GLN B 391 -28.15 -12.87 19.13
N ALA B 392 -28.02 -14.18 19.08
CA ALA B 392 -28.95 -15.06 19.78
C ALA B 392 -28.31 -16.43 20.02
N LEU B 393 -28.63 -17.06 21.14
CA LEU B 393 -28.07 -18.37 21.45
C LEU B 393 -29.14 -19.27 22.08
N PRO B 394 -29.92 -19.98 21.25
CA PRO B 394 -30.96 -20.85 21.77
C PRO B 394 -30.33 -22.17 22.25
N LEU B 395 -30.60 -22.51 23.51
CA LEU B 395 -30.06 -23.73 24.09
C LEU B 395 -31.20 -24.63 24.53
N VAL B 396 -30.92 -25.93 24.58
CA VAL B 396 -31.88 -26.93 25.01
C VAL B 396 -31.13 -28.00 25.80
N TRP B 397 -31.87 -28.70 26.66
CA TRP B 397 -31.30 -29.76 27.47
C TRP B 397 -32.39 -30.65 28.05
N ASP B 398 -32.00 -31.84 28.50
CA ASP B 398 -32.94 -32.78 29.09
C ASP B 398 -32.98 -32.53 30.60
N PRO B 399 -34.11 -32.02 31.12
CA PRO B 399 -34.22 -31.74 32.56
C PRO B 399 -33.79 -32.94 33.40
N ALA B 400 -33.98 -34.14 32.86
CA ALA B 400 -33.63 -35.38 33.57
C ALA B 400 -32.15 -35.44 33.91
N THR B 401 -31.32 -34.75 33.15
CA THR B 401 -29.89 -34.75 33.39
C THR B 401 -29.47 -33.58 34.28
N THR B 402 -30.41 -32.78 34.74
CA THR B 402 -30.05 -31.64 35.57
C THR B 402 -30.19 -31.96 37.06
N LYS B 403 -29.76 -31.04 37.92
CA LYS B 403 -29.87 -31.27 39.35
C LYS B 403 -29.90 -29.96 40.11
N ALA B 404 -30.83 -29.85 41.05
CA ALA B 404 -30.96 -28.65 41.85
C ALA B 404 -29.89 -28.64 42.94
N VAL B 405 -29.32 -27.47 43.20
CA VAL B 405 -28.28 -27.33 44.23
C VAL B 405 -28.71 -26.35 45.32
K K C . 17.90 25.27 -26.23
CHA HEM D . 18.85 10.78 -20.88
CHB HEM D . 18.35 6.62 -23.36
CHC HEM D . 14.72 5.30 -20.43
CHD HEM D . 15.07 9.52 -18.04
C1A HEM D . 19.01 9.78 -21.82
C2A HEM D . 19.97 9.76 -22.92
C3A HEM D . 19.81 8.63 -23.60
C4A HEM D . 18.74 7.87 -22.92
CMA HEM D . 20.56 8.11 -24.84
CAA HEM D . 21.03 10.89 -23.22
CBA HEM D . 20.62 12.14 -23.98
CGA HEM D . 21.87 13.10 -24.15
O1A HEM D . 22.98 12.80 -23.72
O2A HEM D . 21.46 14.12 -24.77
C1B HEM D . 17.34 5.90 -22.73
C2B HEM D . 17.00 4.54 -23.09
C3B HEM D . 16.00 4.16 -22.30
C4B HEM D . 15.69 5.29 -21.41
CMB HEM D . 17.74 3.78 -24.20
CAB HEM D . 15.20 2.82 -22.18
CBB HEM D . 15.40 1.74 -22.92
C1C HEM D . 14.47 6.35 -19.56
C2C HEM D . 13.43 6.35 -18.55
C3C HEM D . 13.52 7.50 -17.89
C4C HEM D . 14.62 8.26 -18.49
CMC HEM D . 12.45 5.17 -18.29
CAC HEM D . 12.65 8.00 -16.66
CBC HEM D . 11.88 9.03 -16.87
C1D HEM D . 16.15 10.19 -18.59
C2D HEM D . 16.65 11.49 -18.11
C3D HEM D . 17.68 11.82 -18.89
C4D HEM D . 17.88 10.77 -19.89
CMD HEM D . 16.02 12.26 -16.92
CAD HEM D . 18.60 13.07 -18.85
CBD HEM D . 19.86 12.99 -18.04
CGD HEM D . 20.77 14.30 -18.12
O1D HEM D . 21.59 14.32 -17.23
O2D HEM D . 20.52 15.02 -19.08
NA HEM D . 18.28 8.62 -21.83
NB HEM D . 16.54 6.37 -21.74
NC HEM D . 15.19 7.55 -19.49
ND HEM D . 16.93 9.82 -19.64
FE HEM D . 16.93 7.91 -20.47
C1 5CL E . 15.06 9.97 -22.96
C2 5CL E . 14.82 11.10 -21.94
C3 5CL E . 15.33 12.52 -22.21
C4 5CL E . 16.11 12.81 -23.53
C5 5CL E . 16.35 11.68 -24.57
C6 5CL E . 15.82 10.25 -24.27
CL1 5CL E . 16.62 14.23 -23.81
CL2 5CL E . 17.14 11.98 -25.89
CL3 5CL E . 16.09 9.15 -25.34
CL4 5CL E . 15.06 13.58 -21.17
CL5 5CL E . 14.53 8.57 -22.66
K K F . -11.45 12.47 21.65
CHA HEM G . -10.92 -0.73 29.45
CHB HEM G . -11.90 -5.25 27.83
CHC HEM G . -15.38 -5.65 31.19
CHD HEM G . -14.60 -1.08 32.66
C1A HEM G . -10.91 -1.89 28.70
C2A HEM G . -10.07 -2.18 27.57
C3A HEM G . -10.35 -3.40 27.12
C4A HEM G . -11.40 -3.95 27.99
CMA HEM G . -9.72 -4.19 25.94
CAA HEM G . -8.98 -1.23 26.97
CBA HEM G . -9.41 -0.05 26.11
CGA HEM G . -8.15 0.76 25.59
O1A HEM G . -7.01 0.38 25.88
O2A HEM G . -8.59 1.71 24.89
C1B HEM G . -12.90 -5.76 28.66
C2B HEM G . -13.39 -7.16 28.62
C3B HEM G . -14.33 -7.26 29.53
C4B HEM G . -14.49 -5.94 30.18
CMB HEM G . -12.79 -8.21 27.63
CAB HEM G . -15.23 -8.47 30.00
CBB HEM G . -15.21 -9.69 29.53
C1C HEM G . -15.50 -4.45 31.84
C2C HEM G . -16.48 -4.15 32.86
C3C HEM G . -16.28 -2.89 33.24
C4C HEM G . -15.15 -2.37 32.48
CMC HEM G . -17.56 -5.15 33.38
CAC HEM G . -17.04 -2.05 34.33
CBC HEM G . -16.66 -2.24 35.56
C1D HEM G . -13.49 -0.62 31.95
C2D HEM G . -12.85 0.69 32.14
C3D HEM G . -11.85 0.77 31.26
C4D HEM G . -11.80 -0.46 30.47
CMD HEM G . -13.31 1.75 33.18
CAD HEM G . -10.85 1.94 31.02
CBD HEM G . -9.48 1.78 31.60
CGD HEM G . -8.50 3.00 31.29
O1D HEM G . -7.59 3.05 32.08
O2D HEM G . -8.83 3.66 30.29
NA HEM G . -11.72 -2.98 28.96
NB HEM G . -13.59 -5.03 29.58
NC HEM G . -14.69 -3.33 31.63
ND HEM G . -12.80 -1.27 30.95
FE HEM G . -12.98 -3.30 30.52
#